data_9M41
#
_entry.id   9M41
#
_cell.length_a   122.824
_cell.length_b   55.844
_cell.length_c   146.407
_cell.angle_alpha   90.000
_cell.angle_beta   105.435
_cell.angle_gamma   90.000
#
_symmetry.space_group_name_H-M   'C 1 2 1'
#
loop_
_entity.id
_entity.type
_entity.pdbx_description
1 polymer 'Serine/threonine-protein kinase PAK 2'
2 non-polymer 'PHOSPHATE ION'
3 water water
#
_entity_poly.entity_id   1
_entity_poly.type   'polypeptide(L)'
_entity_poly.pdbx_seq_one_letter_code
;MGSSHHHHHHSSGLVPRGSHMASMSDNGELEDKPPAPPVRMSSTIFSTGGKDPLSANHSLKPLPSVPEEKKPRHKIISIF
SGTEKGSKKKEKERPEISPPSDFEHTIHVGFDAVTGEFTGMPEQWARLLQTSNITKLEQKKNPQAVLDVLKFYDSNTVKQ
KYLSFTPPEKDGFPSGTPALNAKGTEAPAVVTEEEDDDEETAPPVIAPRPDHTKSIYTRSVIDPVPAPVGDSHVDGAAKS
LDKQKKKTKMTDEEIMEKLRTIVSIGDPKKKYTRYEKIGQGASGTVFTATDVALGQEVAIRQINLQKQPKKELIINEILV
MKELKNPNIVNFLDSYLVGDELFVVMEYLAGGSLTDVVTETCMDEAQIAAVCRECLQALEFLHANQVIHRNIKSDNVLLG
MEGSVKLTDFGFCAQITPEQSKRSTMVGTPYWMAPEVVTRKAYGPKVDIWSLGIMAIEMVEGEPPYLNENPLRALYLIAT
NGTPELQNPEKLSPIFRDFLNRCLEMDVEKRGSAKELLQHPFLKLAKPLSSLTPLIMAAKEAMKSNR
;
_entity_poly.pdbx_strand_id   A,B
#
loop_
_chem_comp.id
_chem_comp.type
_chem_comp.name
_chem_comp.formula
PO4 non-polymer 'PHOSPHATE ION' 'O4 P -3'
#
# COMPACT_ATOMS: atom_id res chain seq x y z
N HIS A 108 -14.98 -6.11 19.52
CA HIS A 108 -15.42 -5.06 18.61
C HIS A 108 -16.47 -4.22 19.32
N VAL A 109 -17.73 -4.36 18.86
CA VAL A 109 -18.97 -3.94 19.49
C VAL A 109 -18.90 -2.52 20.10
N GLY A 110 -18.35 -1.58 19.34
CA GLY A 110 -18.18 -0.24 19.89
C GLY A 110 -18.78 0.93 19.14
N PHE A 111 -19.64 1.69 19.81
CA PHE A 111 -20.03 3.07 19.45
C PHE A 111 -20.35 3.79 20.76
N ASP A 112 -21.14 4.87 20.68
CA ASP A 112 -21.61 5.60 21.86
C ASP A 112 -23.14 5.72 21.84
N ALA A 113 -23.68 6.30 22.91
CA ALA A 113 -25.05 6.75 22.93
C ALA A 113 -25.10 8.18 22.40
N VAL A 114 -26.15 8.51 21.66
CA VAL A 114 -26.33 9.87 21.17
C VAL A 114 -26.82 10.74 22.32
N THR A 115 -26.10 11.85 22.58
CA THR A 115 -26.07 12.68 23.80
C THR A 115 -25.45 11.92 24.99
N GLY A 116 -24.96 10.70 24.80
CA GLY A 116 -24.32 9.91 25.84
C GLY A 116 -22.85 9.61 25.60
N GLU A 117 -22.36 8.49 26.12
CA GLU A 117 -20.95 8.14 26.12
C GLU A 117 -20.73 6.80 25.40
N PHE A 118 -19.45 6.47 25.18
CA PHE A 118 -19.09 5.26 24.45
C PHE A 118 -19.38 3.99 25.27
N THR A 119 -19.72 2.91 24.55
CA THR A 119 -19.99 1.60 25.11
C THR A 119 -19.32 0.55 24.22
N GLY A 120 -18.62 -0.39 24.84
CA GLY A 120 -18.01 -1.48 24.11
C GLY A 120 -16.59 -1.23 23.65
N MET A 121 -15.87 -0.33 24.30
CA MET A 121 -14.53 0.15 24.00
C MET A 121 -13.50 -0.45 24.95
N PRO A 122 -12.28 -0.73 24.50
CA PRO A 122 -11.24 -1.19 25.44
C PRO A 122 -10.88 -0.13 26.45
N GLU A 123 -10.28 -0.58 27.55
CA GLU A 123 -9.70 0.35 28.51
C GLU A 123 -8.49 1.05 27.92
N GLN A 124 -7.79 0.37 26.99
CA GLN A 124 -6.70 0.97 26.24
C GLN A 124 -7.14 2.23 25.50
N TRP A 125 -8.22 2.12 24.70
CA TRP A 125 -8.73 3.25 23.95
C TRP A 125 -9.46 4.26 24.82
N ALA A 126 -10.16 3.81 25.87
CA ALA A 126 -10.83 4.75 26.75
C ALA A 126 -9.84 5.57 27.57
N ARG A 127 -8.63 5.03 27.82
CA ARG A 127 -7.63 5.83 28.51
C ARG A 127 -6.99 6.84 27.59
N LEU A 128 -6.73 6.46 26.35
CA LEU A 128 -6.22 7.40 25.37
C LEU A 128 -7.19 8.56 25.18
N LEU A 129 -8.49 8.25 25.26
CA LEU A 129 -9.52 9.25 25.04
C LEU A 129 -9.63 10.20 26.23
N GLN A 130 -9.47 9.68 27.45
CA GLN A 130 -9.60 10.50 28.66
C GLN A 130 -8.39 11.42 28.86
N THR A 131 -7.17 10.88 28.73
CA THR A 131 -5.98 11.69 28.98
C THR A 131 -5.73 12.74 27.90
N SER A 132 -6.49 12.73 26.79
CA SER A 132 -6.33 13.65 25.68
C SER A 132 -6.96 15.00 25.99
N ASN A 133 -7.01 15.87 24.98
CA ASN A 133 -7.75 17.12 25.03
C ASN A 133 -9.10 17.00 24.34
N ILE A 134 -9.45 15.83 23.83
CA ILE A 134 -10.65 15.67 23.03
C ILE A 134 -11.83 15.72 23.99
N THR A 135 -12.56 16.81 23.93
CA THR A 135 -13.67 17.09 24.84
C THR A 135 -14.90 16.32 24.39
N LYS A 136 -15.75 15.95 25.35
CA LYS A 136 -16.94 15.15 25.06
C LYS A 136 -17.93 15.84 24.12
N LEU A 137 -17.87 17.18 23.98
CA LEU A 137 -18.61 17.82 22.89
C LEU A 137 -18.08 17.35 21.55
N GLU A 138 -16.76 17.46 21.35
CA GLU A 138 -16.08 17.02 20.12
C GLU A 138 -16.25 15.51 19.86
N GLN A 139 -16.61 14.71 20.88
CA GLN A 139 -16.88 13.28 20.68
C GLN A 139 -18.32 12.99 20.20
N LYS A 140 -19.31 13.74 20.68
CA LYS A 140 -20.67 13.63 20.14
C LYS A 140 -20.78 14.30 18.76
N LYS A 141 -19.90 15.29 18.53
CA LYS A 141 -19.87 16.05 17.28
C LYS A 141 -19.60 15.15 16.08
N ASN A 142 -18.76 14.12 16.26
CA ASN A 142 -18.30 13.27 15.17
C ASN A 142 -17.69 12.00 15.78
N PRO A 143 -18.52 11.07 16.30
CA PRO A 143 -17.94 9.93 17.05
C PRO A 143 -17.18 8.95 16.18
N GLN A 144 -17.44 8.92 14.89
CA GLN A 144 -16.70 8.00 14.04
C GLN A 144 -15.26 8.47 13.85
N ALA A 145 -15.06 9.79 13.73
CA ALA A 145 -13.72 10.33 13.58
C ALA A 145 -12.88 10.04 14.81
N VAL A 146 -13.51 10.05 15.99
CA VAL A 146 -12.85 9.57 17.20
C VAL A 146 -12.39 8.12 17.00
N LEU A 147 -13.32 7.25 16.57
CA LEU A 147 -12.98 5.83 16.45
C LEU A 147 -11.88 5.55 15.43
N ASP A 148 -11.78 6.36 14.37
CA ASP A 148 -10.73 6.15 13.39
C ASP A 148 -9.36 6.61 13.90
N VAL A 149 -9.29 7.73 14.65
CA VAL A 149 -7.97 8.18 15.13
C VAL A 149 -7.41 7.27 16.23
N LEU A 150 -8.27 6.62 17.03
CA LEU A 150 -7.73 5.72 18.06
C LEU A 150 -7.15 4.48 17.41
N LYS A 151 -7.93 3.87 16.53
CA LYS A 151 -7.49 2.74 15.71
C LYS A 151 -6.23 3.05 14.93
N PHE A 152 -6.07 4.31 14.49
CA PHE A 152 -4.85 4.70 13.81
C PHE A 152 -3.69 4.80 14.79
N TYR A 153 -3.94 5.43 15.95
CA TYR A 153 -2.88 5.69 16.91
C TYR A 153 -2.22 4.40 17.41
N ASP A 154 -3.01 3.32 17.58
CA ASP A 154 -2.48 2.05 18.06
C ASP A 154 -1.52 1.38 17.07
N SER A 155 -1.61 1.68 15.79
CA SER A 155 -0.66 1.18 14.79
C SER A 155 0.41 2.25 14.53
N ASN A 156 1.31 2.38 15.52
CA ASN A 156 2.29 3.47 15.62
C ASN A 156 3.17 3.72 14.40
N LYS A 249 14.94 -15.50 8.62
CA LYS A 249 15.17 -16.68 7.80
C LYS A 249 16.22 -16.41 6.73
N MET A 250 16.90 -15.27 6.82
CA MET A 250 17.96 -14.91 5.88
C MET A 250 19.32 -15.20 6.52
N THR A 251 19.98 -16.25 6.03
CA THR A 251 21.27 -16.69 6.55
C THR A 251 22.42 -15.99 5.82
N ASP A 252 23.66 -16.30 6.24
CA ASP A 252 24.78 -15.39 6.01
C ASP A 252 25.19 -15.30 4.54
N GLU A 253 25.09 -16.41 3.79
CA GLU A 253 25.42 -16.37 2.37
C GLU A 253 24.42 -15.54 1.57
N GLU A 254 23.13 -15.61 1.93
CA GLU A 254 22.14 -14.82 1.22
C GLU A 254 22.41 -13.32 1.38
N ILE A 255 22.66 -12.88 2.62
CA ILE A 255 22.90 -11.46 2.88
C ILE A 255 24.09 -10.98 2.10
N MET A 256 25.15 -11.78 2.08
CA MET A 256 26.38 -11.44 1.38
C MET A 256 26.14 -11.23 -0.10
N GLU A 257 25.34 -12.10 -0.74
CA GLU A 257 25.18 -11.97 -2.18
C GLU A 257 24.26 -10.82 -2.59
N LYS A 258 23.35 -10.38 -1.69
CA LYS A 258 22.63 -9.14 -1.95
C LYS A 258 23.47 -7.90 -1.65
N LEU A 259 24.45 -8.02 -0.76
CA LEU A 259 25.35 -6.93 -0.45
C LEU A 259 26.53 -6.87 -1.38
N ARG A 260 26.62 -7.77 -2.35
CA ARG A 260 27.86 -7.83 -3.10
C ARG A 260 28.04 -6.62 -4.00
N THR A 261 27.00 -5.81 -4.19
CA THR A 261 27.07 -4.67 -5.08
C THR A 261 27.01 -3.33 -4.37
N ILE A 262 27.05 -3.28 -3.02
CA ILE A 262 26.93 -1.97 -2.37
C ILE A 262 28.10 -1.69 -1.41
N VAL A 263 28.64 -2.75 -0.84
CA VAL A 263 29.71 -2.63 0.15
C VAL A 263 31.02 -2.27 -0.51
N SER A 264 31.76 -1.35 0.11
CA SER A 264 33.14 -1.05 -0.20
C SER A 264 34.05 -1.52 0.93
N ILE A 265 35.33 -1.65 0.63
CA ILE A 265 36.32 -1.89 1.68
C ILE A 265 36.89 -0.53 2.08
N GLY A 266 37.07 -0.36 3.37
CA GLY A 266 37.50 0.90 3.93
C GLY A 266 36.92 1.03 5.31
N ASP A 267 37.55 1.86 6.14
CA ASP A 267 37.11 2.01 7.52
C ASP A 267 36.38 3.33 7.70
N PRO A 268 35.05 3.32 7.93
CA PRO A 268 34.33 4.59 8.13
C PRO A 268 34.78 5.38 9.34
N LYS A 269 35.35 4.74 10.36
CA LYS A 269 35.89 5.46 11.50
C LYS A 269 37.19 6.19 11.20
N LYS A 270 37.96 5.78 10.19
CA LYS A 270 39.06 6.65 9.77
C LYS A 270 38.63 7.60 8.66
N LYS A 271 37.85 7.08 7.71
CA LYS A 271 37.45 7.85 6.53
C LYS A 271 36.52 9.04 6.88
N TYR A 272 35.87 9.04 8.06
CA TYR A 272 34.85 10.02 8.42
C TYR A 272 35.03 10.47 9.87
N THR A 273 34.75 11.76 10.14
CA THR A 273 34.85 12.34 11.50
C THR A 273 33.68 13.29 11.71
N ARG A 274 33.76 14.13 12.77
CA ARG A 274 32.65 14.96 13.26
C ARG A 274 31.40 14.11 13.45
N TYR A 275 31.55 12.99 14.14
CA TYR A 275 30.44 12.05 14.33
C TYR A 275 29.45 12.62 15.34
N GLU A 276 28.36 13.16 14.85
CA GLU A 276 27.31 13.73 15.70
C GLU A 276 26.02 12.96 15.50
N LYS A 277 25.51 12.36 16.58
CA LYS A 277 24.26 11.62 16.50
C LYS A 277 23.11 12.57 16.16
N ILE A 278 22.21 12.12 15.30
CA ILE A 278 21.14 12.97 14.79
C ILE A 278 19.78 12.27 14.87
N GLY A 279 19.78 10.94 14.80
CA GLY A 279 18.53 10.21 14.78
C GLY A 279 18.74 8.81 15.29
N GLN A 280 17.67 8.24 15.83
CA GLN A 280 17.66 6.86 16.32
C GLN A 280 16.33 6.21 15.94
N GLY A 281 15.96 6.35 14.67
CA GLY A 281 14.72 5.77 14.16
C GLY A 281 14.66 4.25 14.35
N ALA A 282 13.48 3.70 14.07
CA ALA A 282 13.22 2.29 14.35
C ALA A 282 14.07 1.36 13.48
N SER A 283 14.58 1.86 12.35
CA SER A 283 15.33 1.05 11.40
C SER A 283 16.81 1.45 11.32
N GLY A 284 17.34 2.05 12.37
CA GLY A 284 18.76 2.38 12.38
C GLY A 284 19.04 3.61 13.21
N THR A 285 20.34 3.93 13.29
CA THR A 285 20.80 5.17 13.87
C THR A 285 21.24 6.06 12.72
N VAL A 286 21.21 7.38 12.92
CA VAL A 286 21.59 8.30 11.87
C VAL A 286 22.55 9.31 12.46
N PHE A 287 23.82 9.19 12.11
CA PHE A 287 24.83 10.20 12.37
C PHE A 287 24.92 11.16 11.20
N THR A 288 25.49 12.33 11.47
CA THR A 288 25.99 13.25 10.46
C THR A 288 27.48 13.35 10.68
N ALA A 289 28.25 13.33 9.59
CA ALA A 289 29.71 13.28 9.66
C ALA A 289 30.33 14.07 8.51
N THR A 290 31.64 14.25 8.60
CA THR A 290 32.44 14.98 7.65
C THR A 290 33.43 14.00 7.01
N ASP A 291 33.46 13.98 5.68
CA ASP A 291 34.47 13.22 4.94
C ASP A 291 35.83 13.84 5.19
N VAL A 292 36.78 13.04 5.71
CA VAL A 292 38.09 13.55 6.14
C VAL A 292 38.87 14.09 4.95
N ALA A 293 38.84 13.38 3.82
CA ALA A 293 39.20 13.99 2.55
C ALA A 293 38.00 14.73 1.98
N LEU A 294 38.29 15.72 1.13
CA LEU A 294 37.31 16.46 0.31
C LEU A 294 36.35 17.38 1.07
N GLY A 295 36.33 17.29 2.40
CA GLY A 295 35.57 18.21 3.23
C GLY A 295 34.05 18.11 3.18
N GLN A 296 33.47 17.36 2.24
CA GLN A 296 32.02 17.31 2.08
C GLN A 296 31.36 16.67 3.29
N GLU A 297 30.19 17.19 3.65
CA GLU A 297 29.40 16.67 4.75
C GLU A 297 28.50 15.54 4.27
N VAL A 298 28.29 14.55 5.13
CA VAL A 298 27.62 13.31 4.77
C VAL A 298 26.65 12.90 5.86
N ALA A 299 25.67 12.08 5.47
CA ALA A 299 24.77 11.38 6.38
C ALA A 299 25.23 9.92 6.50
N ILE A 300 25.17 9.35 7.70
CA ILE A 300 25.62 7.99 7.89
C ILE A 300 24.56 7.22 8.65
N ARG A 301 24.02 6.18 8.03
CA ARG A 301 22.97 5.36 8.62
C ARG A 301 23.62 4.07 9.09
N GLN A 302 23.44 3.76 10.37
CA GLN A 302 24.04 2.59 11.00
C GLN A 302 22.96 1.55 11.28
N ILE A 303 23.07 0.40 10.62
CA ILE A 303 22.09 -0.68 10.65
C ILE A 303 22.75 -1.91 11.24
N ASN A 304 22.24 -2.43 12.34
CA ASN A 304 22.62 -3.77 12.78
C ASN A 304 21.85 -4.79 11.94
N LEU A 305 22.58 -5.57 11.13
CA LEU A 305 21.94 -6.54 10.25
C LEU A 305 21.37 -7.73 11.01
N GLN A 306 22.06 -8.19 12.07
CA GLN A 306 21.69 -9.43 12.75
C GLN A 306 20.42 -9.28 13.58
N LYS A 307 20.18 -8.10 14.13
CA LYS A 307 19.00 -7.77 14.93
C LYS A 307 17.85 -7.18 14.10
N GLN A 308 18.01 -7.04 12.80
CA GLN A 308 17.04 -6.25 12.03
C GLN A 308 15.75 -7.03 11.86
N PRO A 309 14.59 -6.42 12.14
CA PRO A 309 13.32 -7.00 11.69
C PRO A 309 13.17 -6.78 10.20
N LYS A 310 12.98 -7.88 9.46
CA LYS A 310 12.84 -7.87 8.00
C LYS A 310 14.08 -7.25 7.35
N LYS A 311 15.19 -7.98 7.46
CA LYS A 311 16.45 -7.54 6.87
C LYS A 311 16.34 -7.39 5.36
N GLU A 312 15.72 -8.38 4.68
CA GLU A 312 15.84 -8.49 3.22
C GLU A 312 15.19 -7.30 2.50
N LEU A 313 14.15 -6.71 3.08
CA LEU A 313 13.53 -5.51 2.54
C LEU A 313 14.38 -4.26 2.80
N ILE A 314 14.94 -4.15 4.02
CA ILE A 314 15.86 -3.05 4.36
C ILE A 314 17.01 -3.00 3.36
N ILE A 315 17.54 -4.17 3.01
CA ILE A 315 18.59 -4.24 2.00
C ILE A 315 18.06 -3.93 0.60
N ASN A 316 16.89 -4.46 0.24
CA ASN A 316 16.38 -4.25 -1.12
C ASN A 316 16.00 -2.81 -1.39
N GLU A 317 15.63 -2.06 -0.35
CA GLU A 317 15.39 -0.63 -0.53
C GLU A 317 16.68 0.11 -0.86
N ILE A 318 17.80 -0.26 -0.20
CA ILE A 318 19.10 0.35 -0.49
C ILE A 318 19.48 0.11 -1.94
N LEU A 319 19.22 -1.12 -2.44
CA LEU A 319 19.51 -1.46 -3.81
C LEU A 319 18.70 -0.63 -4.81
N VAL A 320 17.63 0.03 -4.37
CA VAL A 320 16.77 0.80 -5.27
C VAL A 320 17.17 2.27 -5.32
N MET A 321 17.38 2.91 -4.17
CA MET A 321 17.87 4.29 -4.18
C MET A 321 19.30 4.40 -4.69
N LYS A 322 20.03 3.28 -4.74
CA LYS A 322 21.29 3.20 -5.46
C LYS A 322 21.11 3.40 -6.96
N GLU A 323 19.90 3.16 -7.49
CA GLU A 323 19.62 3.32 -8.92
C GLU A 323 18.76 4.55 -9.22
N LEU A 324 18.55 5.43 -8.25
CA LEU A 324 17.71 6.62 -8.40
C LEU A 324 18.58 7.85 -8.21
N LYS A 325 19.02 8.47 -9.30
CA LYS A 325 19.74 9.72 -9.21
C LYS A 325 18.85 10.85 -9.73
N ASN A 326 18.75 11.92 -8.92
CA ASN A 326 18.04 13.16 -9.18
C ASN A 326 18.78 14.25 -8.42
N PRO A 327 18.91 15.46 -8.99
CA PRO A 327 19.56 16.55 -8.25
C PRO A 327 18.77 17.01 -7.04
N ASN A 328 17.48 16.68 -6.96
CA ASN A 328 16.63 17.16 -5.89
C ASN A 328 16.40 16.12 -4.78
N ILE A 329 17.08 14.98 -4.81
CA ILE A 329 17.06 14.05 -3.68
C ILE A 329 18.50 13.82 -3.23
N VAL A 330 18.67 13.37 -1.99
CA VAL A 330 19.99 12.98 -1.50
C VAL A 330 20.37 11.64 -2.11
N ASN A 331 21.46 11.62 -2.86
CA ASN A 331 21.89 10.43 -3.57
C ASN A 331 22.74 9.53 -2.68
N PHE A 332 22.88 8.27 -3.11
CA PHE A 332 23.67 7.27 -2.39
C PHE A 332 25.16 7.53 -2.60
N LEU A 333 25.97 7.20 -1.58
CA LEU A 333 27.42 7.36 -1.70
C LEU A 333 28.21 6.08 -1.55
N ASP A 334 28.05 5.33 -0.45
CA ASP A 334 28.91 4.19 -0.17
C ASP A 334 28.34 3.42 1.02
N SER A 335 28.67 2.13 1.11
CA SER A 335 28.38 1.35 2.30
C SER A 335 29.62 0.64 2.78
N TYR A 336 29.60 0.28 4.05
CA TYR A 336 30.74 -0.39 4.69
C TYR A 336 30.20 -1.40 5.69
N LEU A 337 30.76 -2.60 5.69
CA LEU A 337 30.39 -3.62 6.66
C LEU A 337 31.41 -3.59 7.81
N VAL A 338 30.94 -3.46 9.05
CA VAL A 338 31.84 -3.53 10.21
C VAL A 338 31.30 -4.64 11.13
N GLY A 339 31.67 -5.90 10.85
CA GLY A 339 31.31 -7.02 11.70
C GLY A 339 29.89 -7.52 11.56
N ASP A 340 28.93 -6.81 12.14
CA ASP A 340 27.50 -7.12 11.99
C ASP A 340 26.70 -5.83 11.77
N GLU A 341 27.38 -4.75 11.42
CA GLU A 341 26.83 -3.40 11.50
C GLU A 341 27.09 -2.73 10.16
N LEU A 342 26.08 -2.70 9.30
CA LEU A 342 26.14 -2.00 8.02
C LEU A 342 26.09 -0.48 8.21
N PHE A 343 26.97 0.23 7.52
CA PHE A 343 27.01 1.68 7.50
C PHE A 343 26.59 2.08 6.10
N VAL A 344 25.81 3.15 5.98
CA VAL A 344 25.22 3.51 4.70
C VAL A 344 25.36 5.02 4.56
N VAL A 345 26.22 5.46 3.69
CA VAL A 345 26.62 6.86 3.59
C VAL A 345 25.83 7.55 2.49
N MET A 346 25.37 8.77 2.79
CA MET A 346 24.42 9.57 2.03
C MET A 346 24.96 11.00 1.90
N GLU A 347 24.47 11.72 0.88
CA GLU A 347 24.77 13.13 0.72
C GLU A 347 24.25 13.95 1.89
N TYR A 348 24.97 15.00 2.24
CA TYR A 348 24.43 16.02 3.12
C TYR A 348 24.84 17.36 2.56
N LEU A 349 24.15 18.41 2.97
CA LEU A 349 24.32 19.75 2.42
C LEU A 349 24.64 20.73 3.54
N ALA A 350 25.35 21.80 3.18
CA ALA A 350 25.97 22.61 4.21
C ALA A 350 25.04 23.61 4.89
N GLY A 351 23.92 23.97 4.28
CA GLY A 351 23.12 25.09 4.74
C GLY A 351 21.98 24.80 5.69
N GLY A 352 21.85 23.56 6.19
CA GLY A 352 20.82 23.28 7.17
C GLY A 352 19.50 22.92 6.53
N SER A 353 18.48 22.84 7.38
CA SER A 353 17.14 22.46 6.94
C SER A 353 16.33 23.68 6.54
N LEU A 354 15.16 23.44 5.95
CA LEU A 354 14.24 24.53 5.69
C LEU A 354 13.73 25.12 7.00
N THR A 355 13.68 24.30 8.06
CA THR A 355 13.02 24.68 9.30
C THR A 355 13.68 25.88 9.95
N ASP A 356 15.01 25.88 10.05
CA ASP A 356 15.67 26.98 10.73
C ASP A 356 15.64 28.27 9.93
N VAL A 357 15.40 28.19 8.61
CA VAL A 357 15.09 29.37 7.82
C VAL A 357 13.67 29.82 8.09
N VAL A 358 12.74 28.87 8.05
CA VAL A 358 11.30 29.12 8.14
C VAL A 358 10.94 29.75 9.48
N THR A 359 11.62 29.35 10.54
CA THR A 359 11.31 29.82 11.88
C THR A 359 12.09 31.06 12.29
N GLU A 360 13.05 31.51 11.46
CA GLU A 360 13.96 32.58 11.86
C GLU A 360 14.12 33.71 10.85
N THR A 361 13.38 33.70 9.75
CA THR A 361 13.28 34.87 8.88
C THR A 361 11.83 34.95 8.41
N CYS A 362 11.62 35.71 7.33
CA CYS A 362 10.31 35.89 6.71
C CYS A 362 10.48 35.69 5.21
N MET A 363 9.93 34.58 4.68
CA MET A 363 9.97 34.30 3.25
C MET A 363 8.80 34.96 2.56
N ASP A 364 9.08 35.70 1.50
CA ASP A 364 7.98 36.18 0.67
C ASP A 364 7.73 35.20 -0.49
N GLU A 365 6.58 35.38 -1.14
CA GLU A 365 5.97 34.34 -1.96
C GLU A 365 6.88 33.82 -3.09
N ALA A 366 7.71 34.68 -3.69
CA ALA A 366 8.55 34.29 -4.84
C ALA A 366 9.71 33.40 -4.43
N GLN A 367 10.18 33.52 -3.17
CA GLN A 367 11.15 32.59 -2.62
C GLN A 367 10.50 31.27 -2.24
N ILE A 368 9.22 31.29 -1.84
CA ILE A 368 8.52 30.03 -1.60
C ILE A 368 8.26 29.32 -2.92
N ALA A 369 8.01 30.09 -3.99
CA ALA A 369 7.72 29.49 -5.29
C ALA A 369 8.93 28.70 -5.82
N ALA A 370 10.15 29.23 -5.57
CA ALA A 370 11.37 28.52 -5.96
C ALA A 370 11.48 27.16 -5.28
N VAL A 371 11.24 27.14 -3.96
CA VAL A 371 11.42 25.94 -3.15
C VAL A 371 10.35 24.90 -3.48
N CYS A 372 9.10 25.33 -3.60
CA CYS A 372 8.02 24.39 -3.92
C CYS A 372 8.12 23.85 -5.34
N ARG A 373 8.69 24.62 -6.27
CA ARG A 373 8.86 24.06 -7.61
C ARG A 373 9.95 23.00 -7.60
N GLU A 374 10.97 23.17 -6.76
CA GLU A 374 12.02 22.15 -6.63
C GLU A 374 11.44 20.84 -6.12
N CYS A 375 10.70 20.91 -5.00
CA CYS A 375 10.11 19.71 -4.41
C CYS A 375 9.21 18.99 -5.39
N LEU A 376 8.45 19.74 -6.20
CA LEU A 376 7.53 19.09 -7.12
C LEU A 376 8.28 18.33 -8.20
N GLN A 377 9.47 18.80 -8.58
CA GLN A 377 10.27 18.05 -9.54
C GLN A 377 10.74 16.74 -8.94
N ALA A 378 11.11 16.77 -7.66
CA ALA A 378 11.46 15.56 -6.95
C ALA A 378 10.29 14.58 -6.89
N LEU A 379 9.10 15.05 -6.49
CA LEU A 379 7.95 14.16 -6.44
C LEU A 379 7.51 13.74 -7.83
N GLU A 380 7.81 14.54 -8.85
CA GLU A 380 7.50 14.13 -10.20
C GLU A 380 8.33 12.92 -10.60
N PHE A 381 9.63 13.00 -10.39
CA PHE A 381 10.53 11.86 -10.62
C PHE A 381 10.19 10.69 -9.70
N LEU A 382 10.01 10.97 -8.41
CA LEU A 382 9.78 9.91 -7.42
C LEU A 382 8.52 9.14 -7.71
N HIS A 383 7.39 9.85 -7.83
CA HIS A 383 6.12 9.18 -8.05
C HIS A 383 6.09 8.43 -9.38
N ALA A 384 6.93 8.82 -10.35
CA ALA A 384 6.93 8.12 -11.63
C ALA A 384 7.62 6.76 -11.51
N ASN A 385 8.61 6.65 -10.64
CA ASN A 385 9.23 5.37 -10.32
C ASN A 385 8.60 4.71 -9.09
N GLN A 386 7.29 4.96 -8.90
CA GLN A 386 6.45 4.22 -7.95
C GLN A 386 6.97 4.27 -6.52
N VAL A 387 7.34 5.47 -6.06
CA VAL A 387 7.74 5.68 -4.68
C VAL A 387 6.84 6.76 -4.08
N ILE A 388 6.38 6.51 -2.84
CA ILE A 388 5.62 7.48 -2.07
C ILE A 388 6.48 7.90 -0.88
N HIS A 389 6.69 9.21 -0.74
CA HIS A 389 7.64 9.68 0.27
C HIS A 389 7.08 9.54 1.70
N ARG A 390 5.79 9.84 1.89
CA ARG A 390 5.04 9.75 3.15
C ARG A 390 5.42 10.77 4.24
N ASN A 391 6.49 11.55 4.06
CA ASN A 391 6.99 12.41 5.15
C ASN A 391 7.46 13.79 4.67
N ILE A 392 6.66 14.47 3.84
CA ILE A 392 7.07 15.78 3.33
C ILE A 392 6.83 16.83 4.42
N LYS A 393 7.92 17.40 4.93
CA LYS A 393 7.90 18.44 5.97
C LYS A 393 9.19 19.26 5.84
N SER A 394 9.41 20.16 6.80
CA SER A 394 10.49 21.15 6.74
C SER A 394 11.80 20.63 7.30
N ASP A 395 11.73 19.71 8.27
CA ASP A 395 12.93 19.07 8.80
C ASP A 395 13.63 18.25 7.74
N ASN A 396 12.88 17.75 6.75
CA ASN A 396 13.39 16.84 5.75
C ASN A 396 13.70 17.53 4.43
N VAL A 397 13.67 18.85 4.37
CA VAL A 397 14.15 19.56 3.19
C VAL A 397 15.50 20.15 3.55
N LEU A 398 16.53 19.77 2.79
CA LEU A 398 17.89 20.24 3.02
C LEU A 398 18.28 21.31 2.01
N LEU A 399 18.84 22.42 2.50
CA LEU A 399 19.30 23.54 1.67
C LEU A 399 20.82 23.56 1.62
N GLY A 400 21.37 23.80 0.41
CA GLY A 400 22.79 24.00 0.27
C GLY A 400 23.14 25.49 0.27
N MET A 401 24.45 25.77 0.39
CA MET A 401 24.89 27.16 0.40
C MET A 401 24.70 27.84 -0.94
N GLU A 402 24.77 27.08 -2.03
CA GLU A 402 24.54 27.61 -3.37
C GLU A 402 23.08 27.99 -3.62
N GLY A 403 22.19 27.62 -2.71
CA GLY A 403 20.77 27.77 -2.90
C GLY A 403 20.05 26.47 -3.22
N SER A 404 20.77 25.35 -3.27
CA SER A 404 20.24 24.10 -3.80
C SER A 404 19.22 23.47 -2.85
N VAL A 405 18.25 22.78 -3.44
CA VAL A 405 17.17 22.14 -2.68
C VAL A 405 17.26 20.63 -2.88
N LYS A 406 17.40 19.89 -1.78
CA LYS A 406 17.36 18.42 -1.84
C LYS A 406 16.42 17.90 -0.77
N LEU A 407 15.83 16.74 -1.04
CA LEU A 407 14.76 16.16 -0.25
C LEU A 407 15.20 14.84 0.35
N THR A 408 14.91 14.64 1.64
CA THR A 408 15.56 13.66 2.49
C THR A 408 14.54 12.74 3.14
N ASP A 409 14.83 11.42 3.13
CA ASP A 409 14.15 10.45 4.02
C ASP A 409 15.24 9.60 4.69
N PHE A 410 15.82 10.12 5.79
CA PHE A 410 16.94 9.41 6.39
C PHE A 410 16.47 8.24 7.26
N GLY A 411 15.26 8.32 7.82
CA GLY A 411 14.65 7.13 8.42
C GLY A 411 14.19 6.11 7.40
N PHE A 412 14.17 6.49 6.13
CA PHE A 412 13.65 5.73 4.99
C PHE A 412 12.29 5.09 5.31
N CYS A 413 11.33 5.95 5.64
CA CYS A 413 9.94 5.56 5.76
C CYS A 413 9.22 5.78 4.44
N ALA A 414 9.85 5.31 3.36
CA ALA A 414 9.40 5.54 2.00
C ALA A 414 8.93 4.23 1.38
N GLN A 415 7.73 4.24 0.82
CA GLN A 415 7.15 3.07 0.15
C GLN A 415 7.89 2.79 -1.14
N ILE A 416 8.62 1.68 -1.19
CA ILE A 416 9.34 1.26 -2.39
C ILE A 416 8.64 0.09 -3.07
N THR A 417 8.12 -0.84 -2.28
CA THR A 417 7.23 -1.94 -2.67
C THR A 417 5.92 -1.74 -1.92
N PRO A 418 4.82 -2.34 -2.39
CA PRO A 418 3.59 -2.33 -1.57
C PRO A 418 3.81 -2.95 -0.20
N GLU A 419 3.58 -2.14 0.81
CA GLU A 419 3.88 -2.44 2.21
C GLU A 419 3.10 -1.40 3.02
N GLN A 420 3.37 -1.36 4.33
CA GLN A 420 2.87 -0.32 5.25
C GLN A 420 1.34 -0.15 5.27
N THR A 425 1.69 6.70 16.26
CA THR A 425 2.53 7.77 15.72
C THR A 425 3.54 8.21 16.80
N MET A 426 4.59 7.40 16.99
CA MET A 426 5.78 7.83 17.73
C MET A 426 6.77 8.51 16.81
N VAL A 427 6.32 8.89 15.61
CA VAL A 427 7.11 9.73 14.74
C VAL A 427 6.86 11.23 14.98
N GLY A 428 6.01 11.58 15.98
CA GLY A 428 5.84 12.93 16.50
C GLY A 428 4.37 13.38 16.46
N THR A 429 4.16 14.71 16.51
CA THR A 429 2.85 15.26 16.16
C THR A 429 2.76 15.30 14.65
N PRO A 430 1.87 14.55 14.07
CA PRO A 430 1.85 14.34 12.60
C PRO A 430 1.00 15.34 11.83
N TYR A 431 1.43 16.62 11.84
CA TYR A 431 0.70 17.67 11.14
C TYR A 431 0.66 17.47 9.63
N TRP A 432 1.65 16.76 9.09
CA TRP A 432 1.86 16.64 7.65
C TRP A 432 1.02 15.53 7.02
N MET A 433 0.15 14.87 7.76
CA MET A 433 -0.55 13.72 7.22
C MET A 433 -1.83 14.10 6.51
N ALA A 434 -2.08 13.44 5.36
CA ALA A 434 -3.27 13.68 4.55
C ALA A 434 -4.48 13.04 5.21
N PRO A 435 -5.69 13.52 4.93
CA PRO A 435 -6.89 12.97 5.58
C PRO A 435 -7.14 11.50 5.32
N GLU A 436 -6.78 11.00 4.13
CA GLU A 436 -6.96 9.58 3.80
C GLU A 436 -6.05 8.69 4.62
N VAL A 437 -4.90 9.21 5.04
CA VAL A 437 -3.97 8.43 5.87
C VAL A 437 -4.62 8.08 7.18
N VAL A 438 -5.28 9.06 7.83
CA VAL A 438 -5.64 8.94 9.23
C VAL A 438 -6.98 8.27 9.47
N THR A 439 -7.79 8.06 8.43
CA THR A 439 -8.97 7.22 8.57
C THR A 439 -8.66 5.75 8.30
N ARG A 440 -7.37 5.38 8.34
CA ARG A 440 -6.75 4.16 7.80
C ARG A 440 -7.34 3.76 6.45
N LYS A 441 -7.73 4.74 5.64
CA LYS A 441 -8.02 4.50 4.25
C LYS A 441 -6.70 4.29 3.52
N ALA A 442 -6.73 3.48 2.45
CA ALA A 442 -5.52 3.29 1.66
C ALA A 442 -5.21 4.56 0.85
N TYR A 443 -3.94 4.73 0.50
CA TYR A 443 -3.52 6.02 -0.01
C TYR A 443 -2.55 5.87 -1.18
N GLY A 444 -2.63 6.80 -2.13
CA GLY A 444 -1.71 6.86 -3.23
C GLY A 444 -0.71 7.98 -3.05
N PRO A 445 0.02 8.34 -4.11
CA PRO A 445 1.03 9.41 -4.01
C PRO A 445 0.46 10.80 -3.78
N LYS A 446 -0.87 10.96 -3.86
CA LYS A 446 -1.48 12.26 -3.63
C LYS A 446 -1.30 12.74 -2.20
N VAL A 447 -0.92 11.85 -1.26
CA VAL A 447 -0.70 12.27 0.12
C VAL A 447 0.48 13.21 0.21
N ASP A 448 1.49 13.00 -0.63
CA ASP A 448 2.66 13.89 -0.66
C ASP A 448 2.30 15.29 -1.15
N ILE A 449 1.30 15.39 -2.03
CA ILE A 449 0.89 16.71 -2.50
C ILE A 449 0.22 17.47 -1.37
N TRP A 450 -0.61 16.78 -0.56
CA TRP A 450 -1.15 17.36 0.66
C TRP A 450 -0.03 17.80 1.59
N SER A 451 0.97 16.94 1.81
CA SER A 451 2.01 17.23 2.79
C SER A 451 2.88 18.40 2.37
N LEU A 452 3.03 18.61 1.06
CA LEU A 452 3.69 19.82 0.57
C LEU A 452 2.85 21.05 0.84
N GLY A 453 1.52 20.94 0.74
CA GLY A 453 0.67 22.09 0.99
C GLY A 453 0.71 22.53 2.45
N ILE A 454 0.83 21.57 3.37
CA ILE A 454 1.03 21.90 4.78
C ILE A 454 2.37 22.61 4.99
N MET A 455 3.38 22.25 4.18
CA MET A 455 4.69 22.87 4.28
C MET A 455 4.66 24.34 3.87
N ALA A 456 3.81 24.71 2.90
CA ALA A 456 3.71 26.10 2.47
C ALA A 456 3.04 26.97 3.53
N ILE A 457 1.99 26.44 4.19
CA ILE A 457 1.40 27.13 5.33
C ILE A 457 2.46 27.42 6.40
N GLU A 458 3.30 26.42 6.68
CA GLU A 458 4.44 26.61 7.58
C GLU A 458 5.36 27.72 7.08
N MET A 459 5.37 27.98 5.77
CA MET A 459 6.29 28.94 5.18
C MET A 459 5.73 30.37 5.08
N VAL A 460 4.47 30.63 5.45
CA VAL A 460 4.01 32.01 5.67
C VAL A 460 3.66 32.26 7.14
N GLU A 461 3.01 31.29 7.78
CA GLU A 461 2.66 31.37 9.20
C GLU A 461 3.90 31.22 10.08
N GLY A 462 5.01 30.73 9.53
CA GLY A 462 6.20 30.44 10.28
C GLY A 462 6.22 29.06 10.92
N GLU A 463 5.08 28.39 10.98
CA GLU A 463 4.90 27.16 11.74
C GLU A 463 3.70 26.43 11.13
N PRO A 464 3.63 25.10 11.31
CA PRO A 464 2.51 24.35 10.71
C PRO A 464 1.27 24.42 11.59
N PRO A 465 0.07 24.25 11.02
CA PRO A 465 -1.10 24.10 11.88
C PRO A 465 -0.99 22.82 12.66
N TYR A 466 -1.62 22.81 13.83
CA TYR A 466 -1.75 21.66 14.73
C TYR A 466 -0.43 21.21 15.34
N LEU A 467 0.68 21.95 15.14
CA LEU A 467 1.89 21.67 15.90
C LEU A 467 1.74 22.07 17.36
N ASN A 468 0.79 22.96 17.67
CA ASN A 468 0.52 23.37 19.04
C ASN A 468 0.11 22.17 19.92
N GLU A 469 -0.68 21.26 19.38
CA GLU A 469 -1.42 20.30 20.21
C GLU A 469 -0.88 18.88 20.06
N ASN A 470 -1.19 18.07 21.07
CA ASN A 470 -0.69 16.70 21.19
C ASN A 470 -1.22 15.81 20.04
N PRO A 471 -0.53 14.71 19.71
CA PRO A 471 -0.86 14.00 18.47
C PRO A 471 -2.25 13.40 18.39
N LEU A 472 -2.94 13.17 19.51
CA LEU A 472 -4.26 12.55 19.36
C LEU A 472 -5.31 13.60 18.99
N ARG A 473 -5.33 14.70 19.73
CA ARG A 473 -6.21 15.81 19.36
C ARG A 473 -5.85 16.35 17.98
N ALA A 474 -4.55 16.38 17.66
CA ALA A 474 -4.12 16.85 16.35
C ALA A 474 -4.55 15.91 15.24
N LEU A 475 -4.49 14.60 15.49
CA LEU A 475 -5.04 13.64 14.52
C LEU A 475 -6.55 13.81 14.40
N TYR A 476 -7.21 14.07 15.54
CA TYR A 476 -8.63 14.35 15.52
C TYR A 476 -8.94 15.53 14.62
N LEU A 477 -8.10 16.57 14.68
CA LEU A 477 -8.38 17.80 13.95
C LEU A 477 -8.21 17.60 12.44
N ILE A 478 -7.17 16.86 12.01
CA ILE A 478 -6.95 16.55 10.59
C ILE A 478 -8.16 15.81 10.03
N ALA A 479 -8.68 14.84 10.78
CA ALA A 479 -9.85 14.08 10.35
C ALA A 479 -11.07 14.98 10.17
N THR A 480 -11.35 15.87 11.14
CA THR A 480 -12.62 16.56 11.21
C THR A 480 -12.65 17.92 10.54
N ASN A 481 -11.56 18.71 10.62
CA ASN A 481 -11.55 20.04 9.98
C ASN A 481 -11.38 19.96 8.47
N GLY A 482 -10.72 18.91 7.97
CA GLY A 482 -10.40 18.84 6.57
C GLY A 482 -9.26 19.78 6.18
N THR A 483 -9.62 20.91 5.55
CA THR A 483 -8.64 21.87 5.07
C THR A 483 -8.28 22.87 6.17
N PRO A 484 -6.95 23.08 6.47
CA PRO A 484 -6.57 23.96 7.59
C PRO A 484 -6.36 25.41 7.17
N GLU A 485 -6.80 25.79 5.96
CA GLU A 485 -6.25 26.94 5.24
C GLU A 485 -6.54 28.30 5.89
N LEU A 486 -7.43 28.36 6.87
CA LEU A 486 -8.14 29.58 7.22
C LEU A 486 -7.32 30.62 7.99
N GLN A 487 -6.00 30.45 8.17
CA GLN A 487 -5.29 31.17 9.23
C GLN A 487 -5.22 32.68 9.00
N ASN A 488 -4.79 33.11 7.82
CA ASN A 488 -4.64 34.57 7.63
C ASN A 488 -4.76 34.95 6.17
N PRO A 489 -5.88 34.67 5.51
CA PRO A 489 -5.87 34.62 4.03
C PRO A 489 -5.62 35.97 3.35
N GLU A 490 -5.70 37.09 4.07
CA GLU A 490 -5.53 38.40 3.47
C GLU A 490 -4.06 38.82 3.32
N LYS A 491 -3.14 38.18 4.03
CA LYS A 491 -1.71 38.46 3.96
C LYS A 491 -1.06 37.95 2.69
N LEU A 492 -1.79 37.25 1.81
CA LEU A 492 -1.18 36.63 0.65
C LEU A 492 -2.16 36.64 -0.54
N SER A 493 -1.57 36.46 -1.72
CA SER A 493 -2.17 36.84 -2.99
C SER A 493 -3.23 35.84 -3.43
N PRO A 494 -4.14 36.23 -4.33
CA PRO A 494 -5.02 35.22 -4.95
C PRO A 494 -4.30 34.13 -5.71
N ILE A 495 -3.16 34.45 -6.34
CA ILE A 495 -2.47 33.46 -7.15
C ILE A 495 -1.80 32.40 -6.28
N PHE A 496 -1.47 32.72 -5.02
CA PHE A 496 -0.94 31.72 -4.10
C PHE A 496 -2.05 30.83 -3.56
N ARG A 497 -3.18 31.43 -3.14
CA ARG A 497 -4.25 30.67 -2.48
C ARG A 497 -4.89 29.65 -3.43
N ASP A 498 -4.91 29.91 -4.73
CA ASP A 498 -5.39 28.88 -5.64
C ASP A 498 -4.42 27.71 -5.72
N PHE A 499 -3.12 27.97 -5.59
CA PHE A 499 -2.14 26.88 -5.52
C PHE A 499 -2.37 26.03 -4.28
N LEU A 500 -2.68 26.69 -3.15
CA LEU A 500 -2.96 25.98 -1.92
C LEU A 500 -4.25 25.18 -2.01
N ASN A 501 -5.23 25.67 -2.76
CA ASN A 501 -6.52 24.99 -2.86
C ASN A 501 -6.52 23.86 -3.88
N ARG A 502 -5.40 23.64 -4.60
CA ARG A 502 -5.23 22.42 -5.39
C ARG A 502 -4.32 21.40 -4.73
N CYS A 503 -3.43 21.88 -3.86
CA CYS A 503 -2.65 21.00 -2.98
C CYS A 503 -3.52 20.37 -1.91
N LEU A 504 -4.44 21.15 -1.35
CA LEU A 504 -5.19 20.77 -0.16
C LEU A 504 -6.65 20.46 -0.46
N GLU A 505 -6.91 19.81 -1.59
CA GLU A 505 -8.25 19.31 -1.91
C GLU A 505 -8.57 18.11 -1.04
N MET A 506 -9.86 17.87 -0.82
CA MET A 506 -10.26 16.70 -0.04
C MET A 506 -10.56 15.52 -0.94
N ASP A 507 -11.21 15.78 -2.07
CA ASP A 507 -11.38 14.75 -3.08
C ASP A 507 -10.04 14.45 -3.72
N VAL A 508 -9.66 13.17 -3.70
CA VAL A 508 -8.29 12.80 -4.07
C VAL A 508 -8.04 13.00 -5.56
N GLU A 509 -9.05 12.78 -6.41
CA GLU A 509 -8.87 13.10 -7.83
C GLU A 509 -8.86 14.60 -8.08
N LYS A 510 -9.50 15.40 -7.22
CA LYS A 510 -9.47 16.86 -7.34
C LYS A 510 -8.12 17.46 -6.94
N ARG A 511 -7.34 16.80 -6.09
CA ARG A 511 -6.00 17.23 -5.80
C ARG A 511 -5.14 17.15 -7.06
N GLY A 512 -4.20 18.09 -7.20
CA GLY A 512 -3.25 18.01 -8.29
C GLY A 512 -2.22 16.93 -8.07
N SER A 513 -1.74 16.35 -9.16
CA SER A 513 -0.52 15.56 -9.17
C SER A 513 0.67 16.46 -9.51
N ALA A 514 1.89 15.98 -9.18
CA ALA A 514 3.07 16.83 -9.22
C ALA A 514 3.34 17.38 -10.62
N LYS A 515 3.03 16.62 -11.68
CA LYS A 515 3.26 17.10 -13.04
C LYS A 515 2.27 18.21 -13.43
N GLU A 516 1.00 18.12 -13.00
CA GLU A 516 0.05 19.21 -13.27
C GLU A 516 0.45 20.47 -12.54
N LEU A 517 0.81 20.35 -11.25
CA LEU A 517 1.12 21.51 -10.44
C LEU A 517 2.44 22.16 -10.82
N LEU A 518 3.30 21.48 -11.57
CA LEU A 518 4.52 22.14 -12.03
C LEU A 518 4.24 23.16 -13.12
N GLN A 519 3.06 23.09 -13.75
CA GLN A 519 2.60 24.09 -14.70
C GLN A 519 1.62 25.07 -14.09
N HIS A 520 1.66 25.23 -12.78
CA HIS A 520 0.85 26.26 -12.15
C HIS A 520 1.49 27.63 -12.36
N PRO A 521 0.67 28.68 -12.53
CA PRO A 521 1.21 30.04 -12.70
C PRO A 521 1.80 30.66 -11.44
N PHE A 522 1.55 30.10 -10.25
CA PHE A 522 2.26 30.59 -9.07
C PHE A 522 3.73 30.22 -9.14
N LEU A 523 4.06 29.09 -9.75
CA LEU A 523 5.44 28.65 -9.81
C LEU A 523 6.30 29.57 -10.66
N LYS A 524 5.69 30.24 -11.64
CA LYS A 524 6.44 31.15 -12.48
C LYS A 524 6.84 32.43 -11.77
N LEU A 525 6.33 32.67 -10.54
CA LEU A 525 6.80 33.76 -9.69
C LEU A 525 8.22 33.52 -9.15
N ALA A 526 8.81 32.34 -9.36
CA ALA A 526 9.95 31.89 -8.57
C ALA A 526 11.20 32.75 -8.76
N LYS A 527 11.69 33.33 -7.68
CA LYS A 527 13.04 33.92 -7.67
C LYS A 527 14.09 32.82 -7.88
N PRO A 528 15.23 33.14 -8.48
CA PRO A 528 16.32 32.16 -8.60
C PRO A 528 16.82 31.72 -7.23
N LEU A 529 17.26 30.45 -7.16
CA LEU A 529 17.48 29.76 -5.89
C LEU A 529 18.56 30.41 -5.04
N SER A 530 19.50 31.11 -5.66
CA SER A 530 20.53 31.81 -4.90
C SER A 530 19.99 32.94 -4.04
N SER A 531 18.73 33.37 -4.26
CA SER A 531 18.07 34.36 -3.42
C SER A 531 17.85 33.87 -1.99
N LEU A 532 17.98 32.57 -1.74
CA LEU A 532 17.85 32.05 -0.39
C LEU A 532 19.10 32.26 0.44
N THR A 533 20.19 32.72 -0.18
CA THR A 533 21.51 32.68 0.46
C THR A 533 21.60 33.45 1.77
N PRO A 534 21.16 34.72 1.89
CA PRO A 534 21.30 35.39 3.19
C PRO A 534 20.43 34.81 4.29
N LEU A 535 19.35 34.11 3.94
CA LEU A 535 18.46 33.59 4.97
C LEU A 535 19.10 32.43 5.72
N ILE A 536 19.94 31.65 5.03
CA ILE A 536 20.72 30.62 5.69
C ILE A 536 21.68 31.25 6.70
N MET A 537 22.37 32.31 6.28
CA MET A 537 23.34 32.98 7.14
C MET A 537 22.67 33.60 8.37
N ALA A 538 21.47 34.16 8.20
CA ALA A 538 20.82 34.88 9.28
C ALA A 538 20.42 33.95 10.43
N ALA A 539 20.14 32.68 10.12
CA ALA A 539 19.77 31.74 11.17
C ALA A 539 20.97 31.37 12.02
N LYS A 540 22.15 31.29 11.40
CA LYS A 540 23.26 30.59 12.03
C LYS A 540 23.95 31.43 13.10
N GLU A 541 24.10 32.75 12.88
CA GLU A 541 24.74 33.57 13.90
C GLU A 541 23.83 33.76 15.11
N ALA A 542 22.51 33.57 14.95
CA ALA A 542 21.59 33.63 16.07
C ALA A 542 21.91 32.55 17.10
N MET A 543 22.26 31.35 16.63
CA MET A 543 22.93 30.31 17.44
C MET A 543 22.07 29.75 18.58
N THR B 106 1.11 5.46 -29.35
CA THR B 106 1.93 4.37 -28.80
C THR B 106 3.27 4.25 -29.53
N ILE B 107 4.28 3.77 -28.80
CA ILE B 107 5.65 3.62 -29.30
C ILE B 107 5.98 2.12 -29.30
N HIS B 108 6.73 1.66 -30.32
CA HIS B 108 6.95 0.25 -30.66
C HIS B 108 8.36 -0.23 -30.29
N VAL B 109 8.49 -1.53 -29.97
CA VAL B 109 9.76 -2.12 -29.53
C VAL B 109 9.95 -3.51 -30.13
N GLY B 110 11.07 -3.72 -30.86
CA GLY B 110 11.50 -5.03 -31.28
C GLY B 110 12.85 -5.38 -30.65
N PHE B 111 13.23 -6.66 -30.68
CA PHE B 111 14.40 -7.09 -29.90
C PHE B 111 15.53 -7.69 -30.73
N ASP B 112 15.62 -7.33 -32.02
CA ASP B 112 16.80 -7.58 -32.85
C ASP B 112 17.15 -9.07 -32.96
N ALA B 113 16.12 -9.92 -32.98
CA ALA B 113 16.24 -11.38 -33.00
C ALA B 113 17.04 -11.94 -31.83
N VAL B 114 17.31 -13.24 -31.86
CA VAL B 114 17.94 -13.88 -30.73
C VAL B 114 19.43 -13.53 -30.67
N THR B 115 20.00 -13.67 -29.47
CA THR B 115 21.32 -13.15 -29.10
C THR B 115 21.41 -11.67 -29.47
N GLY B 116 20.58 -10.89 -28.79
CA GLY B 116 20.38 -9.52 -29.26
C GLY B 116 19.69 -8.65 -28.23
N GLU B 117 19.72 -7.36 -28.53
CA GLU B 117 19.39 -6.28 -27.62
C GLU B 117 18.05 -5.63 -27.99
N PHE B 118 17.73 -4.53 -27.32
CA PHE B 118 16.52 -3.75 -27.57
C PHE B 118 16.82 -2.51 -28.39
N THR B 119 15.83 -2.09 -29.15
CA THR B 119 15.85 -0.79 -29.81
C THR B 119 14.42 -0.34 -30.02
N GLY B 120 14.23 0.97 -30.11
CA GLY B 120 12.90 1.52 -30.03
C GLY B 120 12.40 1.68 -28.62
N MET B 121 13.28 1.54 -27.64
CA MET B 121 12.93 1.47 -26.22
C MET B 121 12.57 2.86 -25.71
N PRO B 122 11.36 3.05 -25.16
CA PRO B 122 10.97 4.37 -24.66
C PRO B 122 11.79 4.77 -23.46
N GLU B 123 12.02 6.08 -23.34
CA GLU B 123 12.77 6.64 -22.22
C GLU B 123 12.12 6.32 -20.89
N GLN B 124 10.79 6.29 -20.87
CA GLN B 124 10.04 5.98 -19.65
C GLN B 124 10.35 4.58 -19.15
N TRP B 125 10.37 3.59 -20.05
CA TRP B 125 10.47 2.20 -19.67
C TRP B 125 11.87 1.80 -19.21
N ALA B 126 12.91 2.38 -19.80
CA ALA B 126 14.24 1.94 -19.44
C ALA B 126 14.72 2.46 -18.09
N ARG B 127 14.06 3.48 -17.52
CA ARG B 127 14.33 3.80 -16.12
C ARG B 127 13.71 2.76 -15.20
N LEU B 128 12.42 2.46 -15.39
CA LEU B 128 11.70 1.46 -14.59
C LEU B 128 12.24 0.04 -14.79
N LEU B 129 12.95 -0.21 -15.88
CA LEU B 129 13.60 -1.48 -16.13
C LEU B 129 14.98 -1.55 -15.50
N GLN B 130 15.60 -0.38 -15.33
CA GLN B 130 16.88 -0.30 -14.64
C GLN B 130 16.69 -0.47 -13.14
N THR B 131 15.72 0.23 -12.57
CA THR B 131 15.45 0.16 -11.14
C THR B 131 14.53 -1.01 -10.79
N SER B 132 14.31 -1.92 -11.75
CA SER B 132 13.66 -3.19 -11.49
C SER B 132 14.54 -4.16 -10.71
N ASN B 133 15.86 -3.91 -10.70
CA ASN B 133 16.86 -4.96 -10.54
C ASN B 133 16.59 -6.09 -11.54
N ILE B 134 16.48 -5.72 -12.81
CA ILE B 134 16.51 -6.69 -13.90
C ILE B 134 17.83 -6.50 -14.63
N THR B 135 18.67 -7.53 -14.56
CA THR B 135 20.00 -7.53 -15.17
C THR B 135 19.90 -7.57 -16.69
N LYS B 136 20.86 -6.88 -17.33
CA LYS B 136 20.93 -6.85 -18.78
C LYS B 136 21.13 -8.23 -19.40
N LEU B 137 21.63 -9.21 -18.63
CA LEU B 137 21.67 -10.57 -19.18
C LEU B 137 20.28 -11.21 -19.22
N GLU B 138 19.47 -11.04 -18.17
CA GLU B 138 18.15 -11.68 -18.14
C GLU B 138 17.28 -11.17 -19.28
N GLN B 139 17.45 -9.89 -19.62
CA GLN B 139 16.77 -9.28 -20.76
C GLN B 139 17.12 -9.99 -22.07
N LYS B 140 18.38 -10.39 -22.26
CA LYS B 140 18.76 -11.06 -23.50
C LYS B 140 18.23 -12.48 -23.59
N LYS B 141 18.10 -13.18 -22.46
CA LYS B 141 17.61 -14.56 -22.51
C LYS B 141 16.12 -14.61 -22.83
N ASN B 142 15.32 -13.73 -22.22
CA ASN B 142 13.87 -13.68 -22.42
C ASN B 142 13.42 -12.30 -22.84
N PRO B 143 13.67 -11.91 -24.10
CA PRO B 143 13.29 -10.55 -24.50
C PRO B 143 11.80 -10.35 -24.67
N GLN B 144 11.10 -11.36 -25.21
CA GLN B 144 9.65 -11.25 -25.38
C GLN B 144 8.94 -11.14 -24.03
N ALA B 145 9.33 -11.99 -23.06
CA ALA B 145 8.67 -11.98 -21.76
C ALA B 145 8.89 -10.68 -21.01
N VAL B 146 10.05 -10.05 -21.20
CA VAL B 146 10.29 -8.75 -20.60
C VAL B 146 9.41 -7.68 -21.25
N LEU B 147 9.27 -7.73 -22.58
CA LEU B 147 8.42 -6.78 -23.30
C LEU B 147 6.97 -6.91 -22.84
N ASP B 148 6.52 -8.15 -22.57
CA ASP B 148 5.11 -8.37 -22.22
C ASP B 148 4.79 -7.84 -20.81
N VAL B 149 5.67 -8.07 -19.82
CA VAL B 149 5.34 -7.57 -18.48
C VAL B 149 5.48 -6.06 -18.42
N LEU B 150 6.26 -5.45 -19.32
CA LEU B 150 6.28 -4.00 -19.40
C LEU B 150 4.94 -3.46 -19.90
N LYS B 151 4.35 -4.14 -20.89
CA LYS B 151 3.06 -3.71 -21.41
C LYS B 151 1.95 -3.94 -20.39
N PHE B 152 2.00 -5.08 -19.68
CA PHE B 152 1.02 -5.41 -18.65
C PHE B 152 1.09 -4.40 -17.49
N TYR B 153 2.31 -4.04 -17.07
CA TYR B 153 2.49 -3.15 -15.92
C TYR B 153 1.95 -1.74 -16.18
N ASP B 154 1.82 -1.34 -17.45
CA ASP B 154 1.20 -0.06 -17.77
C ASP B 154 -0.31 -0.15 -17.88
N SER B 155 -0.85 -1.30 -18.30
CA SER B 155 -2.29 -1.54 -18.27
C SER B 155 -2.83 -1.65 -16.85
N ASN B 156 -1.97 -2.04 -15.88
CA ASN B 156 -2.22 -2.16 -14.44
C ASN B 156 -3.09 -3.38 -14.09
N THR B 157 -3.23 -3.66 -12.80
CA THR B 157 -4.16 -4.68 -12.34
C THR B 157 -5.59 -4.22 -12.60
N VAL B 158 -6.38 -5.09 -13.20
CA VAL B 158 -7.74 -4.75 -13.53
C VAL B 158 -8.67 -5.75 -12.84
N LYS B 249 -21.37 7.14 -18.53
CA LYS B 249 -21.83 6.75 -19.86
C LYS B 249 -23.24 6.15 -19.79
N MET B 250 -23.49 5.37 -18.72
CA MET B 250 -24.71 4.58 -18.60
C MET B 250 -25.86 5.43 -18.06
N THR B 251 -26.99 5.41 -18.77
CA THR B 251 -28.13 6.24 -18.43
C THR B 251 -28.88 5.70 -17.21
N ASP B 252 -29.62 6.58 -16.53
CA ASP B 252 -30.30 6.18 -15.32
C ASP B 252 -31.49 5.28 -15.61
N GLU B 253 -32.07 5.35 -16.82
CA GLU B 253 -33.11 4.39 -17.23
C GLU B 253 -32.53 2.99 -17.30
N GLU B 254 -31.33 2.84 -17.86
CA GLU B 254 -30.70 1.53 -17.97
C GLU B 254 -30.40 0.95 -16.61
N ILE B 255 -29.94 1.79 -15.68
CA ILE B 255 -29.60 1.31 -14.34
C ILE B 255 -30.84 0.81 -13.62
N MET B 256 -31.97 1.53 -13.75
CA MET B 256 -33.19 1.09 -13.09
C MET B 256 -33.77 -0.14 -13.75
N GLU B 257 -33.35 -0.47 -14.98
CA GLU B 257 -33.72 -1.78 -15.52
C GLU B 257 -32.97 -2.90 -14.81
N LYS B 258 -31.67 -2.73 -14.62
CA LYS B 258 -30.88 -3.81 -14.06
C LYS B 258 -31.09 -3.96 -12.56
N LEU B 259 -31.44 -2.88 -11.86
CA LEU B 259 -31.69 -2.97 -10.43
C LEU B 259 -33.07 -3.54 -10.10
N ARG B 260 -33.88 -3.84 -11.12
CA ARG B 260 -35.27 -4.26 -10.91
C ARG B 260 -35.37 -5.55 -10.13
N THR B 261 -34.58 -6.55 -10.50
CA THR B 261 -34.70 -7.86 -9.89
C THR B 261 -33.99 -7.97 -8.53
N ILE B 262 -33.21 -6.98 -8.14
CA ILE B 262 -32.33 -7.12 -6.98
C ILE B 262 -32.61 -6.12 -5.85
N VAL B 263 -33.31 -5.00 -6.10
CA VAL B 263 -33.54 -3.98 -5.08
C VAL B 263 -34.86 -4.22 -4.38
N SER B 264 -34.81 -4.37 -3.05
CA SER B 264 -35.96 -4.30 -2.17
C SER B 264 -36.20 -2.88 -1.68
N ILE B 265 -37.46 -2.55 -1.40
CA ILE B 265 -37.78 -1.28 -0.75
C ILE B 265 -37.78 -1.48 0.76
N GLY B 266 -37.51 -0.40 1.49
CA GLY B 266 -37.33 -0.46 2.93
C GLY B 266 -36.13 0.42 3.27
N ASP B 267 -36.10 0.90 4.51
CA ASP B 267 -34.93 1.65 4.97
C ASP B 267 -33.92 0.70 5.59
N PRO B 268 -32.72 0.53 5.01
CA PRO B 268 -31.68 -0.27 5.64
C PRO B 268 -31.23 0.25 7.00
N LYS B 269 -31.45 1.53 7.31
CA LYS B 269 -31.09 2.04 8.62
C LYS B 269 -32.16 1.77 9.68
N LYS B 270 -33.33 1.26 9.30
CA LYS B 270 -34.31 0.70 10.24
C LYS B 270 -34.20 -0.82 10.33
N LYS B 271 -34.11 -1.49 9.17
CA LYS B 271 -34.04 -2.95 9.09
C LYS B 271 -32.79 -3.51 9.79
N TYR B 272 -31.72 -2.72 9.91
CA TYR B 272 -30.48 -3.18 10.51
C TYR B 272 -29.96 -2.11 11.45
N THR B 273 -29.20 -2.55 12.45
CA THR B 273 -28.72 -1.69 13.52
C THR B 273 -27.39 -2.25 14.05
N ARG B 274 -26.75 -1.46 14.93
CA ARG B 274 -25.41 -1.73 15.44
C ARG B 274 -24.40 -1.86 14.29
N TYR B 275 -24.43 -0.87 13.39
CA TYR B 275 -23.49 -0.77 12.29
C TYR B 275 -22.07 -0.56 12.81
N GLU B 276 -21.20 -1.53 12.55
CA GLU B 276 -19.78 -1.40 12.86
C GLU B 276 -19.03 -1.23 11.55
N LYS B 277 -18.50 -0.03 11.31
CA LYS B 277 -17.60 0.19 10.18
C LYS B 277 -16.35 -0.65 10.35
N ILE B 278 -16.01 -1.43 9.32
CA ILE B 278 -14.80 -2.24 9.36
C ILE B 278 -13.71 -1.58 8.53
N GLY B 279 -14.01 -1.30 7.27
CA GLY B 279 -13.07 -0.63 6.40
C GLY B 279 -13.79 0.34 5.47
N GLN B 280 -13.02 1.03 4.64
CA GLN B 280 -13.57 1.93 3.63
C GLN B 280 -12.51 2.11 2.53
N GLY B 281 -12.89 2.86 1.49
CA GLY B 281 -11.97 3.10 0.39
C GLY B 281 -12.57 3.08 -1.01
N ALA B 282 -11.90 2.38 -1.92
CA ALA B 282 -12.21 2.44 -3.35
C ALA B 282 -13.43 1.60 -3.71
N SER B 283 -13.45 0.33 -3.29
CA SER B 283 -14.59 -0.52 -3.61
C SER B 283 -15.85 -0.09 -2.87
N GLY B 284 -15.69 0.47 -1.68
CA GLY B 284 -16.80 1.00 -0.90
C GLY B 284 -16.63 0.65 0.57
N THR B 285 -17.40 1.35 1.39
CA THR B 285 -17.31 1.15 2.83
C THR B 285 -17.97 -0.17 3.24
N VAL B 286 -17.25 -0.98 4.04
CA VAL B 286 -17.73 -2.29 4.46
C VAL B 286 -18.07 -2.24 5.94
N PHE B 287 -19.16 -2.92 6.30
CA PHE B 287 -19.86 -2.76 7.56
C PHE B 287 -20.30 -4.12 8.09
N THR B 288 -20.49 -4.20 9.40
CA THR B 288 -21.26 -5.28 10.02
C THR B 288 -22.52 -4.65 10.61
N ALA B 289 -23.63 -5.36 10.55
CA ALA B 289 -24.88 -4.87 11.12
C ALA B 289 -25.63 -6.06 11.67
N THR B 290 -26.67 -5.81 12.45
CA THR B 290 -27.46 -6.87 13.02
C THR B 290 -28.89 -6.75 12.49
N ASP B 291 -29.41 -7.87 11.99
CA ASP B 291 -30.78 -7.90 11.50
C ASP B 291 -31.76 -7.73 12.65
N VAL B 292 -32.74 -6.85 12.49
CA VAL B 292 -33.72 -6.66 13.54
C VAL B 292 -34.68 -7.86 13.59
N ALA B 293 -35.21 -8.25 12.43
CA ALA B 293 -36.20 -9.32 12.40
C ALA B 293 -35.60 -10.67 12.74
N LEU B 294 -34.41 -10.96 12.19
CA LEU B 294 -33.79 -12.27 12.40
C LEU B 294 -32.85 -12.34 13.61
N GLY B 295 -32.32 -11.21 14.07
CA GLY B 295 -31.34 -11.27 15.14
C GLY B 295 -30.00 -11.84 14.73
N GLN B 296 -29.73 -11.96 13.44
CA GLN B 296 -28.51 -12.56 12.93
C GLN B 296 -27.69 -11.49 12.20
N GLU B 297 -26.38 -11.57 12.34
CA GLU B 297 -25.48 -10.53 11.85
C GLU B 297 -25.33 -10.60 10.34
N VAL B 298 -24.99 -9.47 9.75
CA VAL B 298 -24.87 -9.33 8.31
C VAL B 298 -23.69 -8.42 7.99
N ALA B 299 -23.24 -8.50 6.74
CA ALA B 299 -22.28 -7.59 6.15
C ALA B 299 -23.00 -6.65 5.21
N ILE B 300 -22.55 -5.39 5.13
CA ILE B 300 -23.21 -4.41 4.28
C ILE B 300 -22.15 -3.65 3.49
N ARG B 301 -22.23 -3.69 2.17
CA ARG B 301 -21.31 -3.00 1.29
C ARG B 301 -22.01 -1.76 0.76
N GLN B 302 -21.64 -0.60 1.29
CA GLN B 302 -22.17 0.68 0.86
C GLN B 302 -21.34 1.15 -0.35
N ILE B 303 -21.90 0.96 -1.54
CA ILE B 303 -21.23 1.27 -2.81
C ILE B 303 -21.87 2.51 -3.44
N ASN B 304 -21.05 3.45 -3.91
CA ASN B 304 -21.62 4.53 -4.71
C ASN B 304 -21.86 4.09 -6.15
N LEU B 305 -22.70 4.86 -6.84
CA LEU B 305 -23.07 4.63 -8.24
C LEU B 305 -22.71 5.76 -9.18
N GLN B 306 -22.76 7.00 -8.72
CA GLN B 306 -22.38 8.13 -9.57
C GLN B 306 -20.88 8.24 -9.72
N LYS B 307 -20.12 7.80 -8.72
CA LYS B 307 -18.69 7.99 -8.70
C LYS B 307 -17.97 6.66 -8.77
N GLN B 308 -18.65 5.66 -9.30
CA GLN B 308 -18.08 4.34 -9.52
C GLN B 308 -17.86 4.15 -11.02
N PRO B 309 -16.62 4.25 -11.50
CA PRO B 309 -16.40 4.10 -12.94
C PRO B 309 -16.56 2.65 -13.34
N LYS B 310 -17.22 2.44 -14.48
CA LYS B 310 -17.61 1.11 -14.95
C LYS B 310 -18.48 0.42 -13.88
N LYS B 311 -19.66 1.01 -13.69
CA LYS B 311 -20.63 0.51 -12.74
C LYS B 311 -21.49 -0.61 -13.31
N GLU B 312 -21.48 -0.86 -14.62
CA GLU B 312 -22.20 -2.00 -15.14
C GLU B 312 -21.47 -3.31 -14.89
N LEU B 313 -20.14 -3.27 -14.69
CA LEU B 313 -19.42 -4.49 -14.34
C LEU B 313 -19.89 -5.05 -13.00
N ILE B 314 -20.18 -4.16 -12.05
CA ILE B 314 -20.59 -4.64 -10.74
C ILE B 314 -22.10 -4.99 -10.73
N ILE B 315 -22.95 -4.28 -11.47
CA ILE B 315 -24.38 -4.60 -11.47
C ILE B 315 -24.62 -5.96 -12.12
N ASN B 316 -23.91 -6.26 -13.21
CA ASN B 316 -24.10 -7.55 -13.87
C ASN B 316 -23.49 -8.71 -13.09
N GLU B 317 -22.41 -8.48 -12.33
CA GLU B 317 -21.95 -9.51 -11.41
C GLU B 317 -23.02 -9.85 -10.37
N ILE B 318 -23.66 -8.84 -9.78
CA ILE B 318 -24.66 -9.10 -8.76
C ILE B 318 -25.85 -9.84 -9.36
N LEU B 319 -26.27 -9.47 -10.58
CA LEU B 319 -27.39 -10.14 -11.24
C LEU B 319 -27.13 -11.64 -11.45
N VAL B 320 -25.96 -11.98 -12.03
CA VAL B 320 -25.60 -13.39 -12.29
C VAL B 320 -25.37 -14.15 -10.99
N MET B 321 -24.54 -13.60 -10.11
CA MET B 321 -24.14 -14.33 -8.91
C MET B 321 -25.26 -14.44 -7.89
N LYS B 322 -26.30 -13.60 -7.99
CA LYS B 322 -27.50 -13.70 -7.17
C LYS B 322 -28.11 -15.10 -7.22
N GLU B 323 -28.03 -15.76 -8.38
CA GLU B 323 -28.70 -17.04 -8.59
C GLU B 323 -27.75 -18.24 -8.59
N LEU B 324 -26.46 -18.01 -8.38
CA LEU B 324 -25.50 -19.09 -8.27
C LEU B 324 -25.23 -19.30 -6.78
N LYS B 325 -26.13 -20.01 -6.12
CA LYS B 325 -26.02 -20.27 -4.69
C LYS B 325 -25.25 -21.56 -4.48
N ASN B 326 -24.22 -21.52 -3.62
CA ASN B 326 -23.40 -22.68 -3.29
C ASN B 326 -23.07 -22.64 -1.80
N PRO B 327 -22.93 -23.82 -1.16
CA PRO B 327 -22.44 -23.82 0.24
C PRO B 327 -21.05 -23.25 0.39
N ASN B 328 -20.24 -23.30 -0.66
CA ASN B 328 -18.87 -22.84 -0.61
C ASN B 328 -18.67 -21.42 -1.09
N ILE B 329 -19.70 -20.74 -1.54
CA ILE B 329 -19.56 -19.32 -1.83
C ILE B 329 -20.58 -18.58 -0.98
N VAL B 330 -20.28 -17.32 -0.65
CA VAL B 330 -21.03 -16.57 0.37
C VAL B 330 -22.20 -15.84 -0.29
N ASN B 331 -23.41 -16.10 0.19
CA ASN B 331 -24.64 -15.85 -0.56
C ASN B 331 -25.17 -14.43 -0.38
N PHE B 332 -25.78 -13.92 -1.45
CA PHE B 332 -26.41 -12.61 -1.42
C PHE B 332 -27.71 -12.65 -0.62
N LEU B 333 -28.01 -11.54 0.04
CA LEU B 333 -29.12 -11.50 0.98
C LEU B 333 -30.17 -10.45 0.62
N ASP B 334 -29.77 -9.24 0.26
CA ASP B 334 -30.73 -8.18 -0.01
C ASP B 334 -29.99 -6.98 -0.58
N SER B 335 -30.77 -6.00 -1.09
CA SER B 335 -30.17 -4.74 -1.53
C SER B 335 -31.19 -3.60 -1.49
N TYR B 336 -30.67 -2.38 -1.27
CA TYR B 336 -31.45 -1.16 -1.12
C TYR B 336 -30.71 -0.07 -1.86
N LEU B 337 -31.46 0.75 -2.62
CA LEU B 337 -30.95 1.96 -3.27
C LEU B 337 -31.22 3.14 -2.35
N VAL B 338 -30.17 3.72 -1.78
CA VAL B 338 -30.31 4.88 -0.91
C VAL B 338 -29.59 6.06 -1.57
N GLY B 339 -30.35 6.92 -2.26
CA GLY B 339 -29.80 8.04 -2.99
C GLY B 339 -28.91 7.70 -4.17
N ASP B 340 -27.61 7.91 -3.99
CA ASP B 340 -26.57 7.52 -4.96
C ASP B 340 -25.89 6.23 -4.52
N GLU B 341 -26.20 5.69 -3.34
CA GLU B 341 -25.46 4.57 -2.79
C GLU B 341 -26.35 3.34 -2.71
N LEU B 342 -25.87 2.23 -3.28
CA LEU B 342 -26.53 0.94 -3.28
C LEU B 342 -25.94 0.10 -2.14
N PHE B 343 -26.72 -0.10 -1.08
CA PHE B 343 -26.31 -0.94 0.04
C PHE B 343 -26.48 -2.39 -0.36
N VAL B 344 -25.40 -3.18 -0.38
CA VAL B 344 -25.48 -4.62 -0.69
C VAL B 344 -25.35 -5.44 0.59
N VAL B 345 -26.37 -6.25 0.87
CA VAL B 345 -26.40 -7.06 2.09
C VAL B 345 -25.92 -8.47 1.77
N MET B 346 -24.86 -8.88 2.47
CA MET B 346 -24.19 -10.16 2.27
C MET B 346 -24.10 -10.99 3.55
N GLU B 347 -24.02 -12.32 3.37
CA GLU B 347 -23.91 -13.25 4.49
C GLU B 347 -22.63 -12.98 5.27
N TYR B 348 -22.70 -13.08 6.60
CA TYR B 348 -21.57 -12.79 7.48
C TYR B 348 -20.89 -14.06 7.99
N LEU B 349 -19.55 -14.10 7.91
CA LEU B 349 -18.75 -15.20 8.45
C LEU B 349 -17.82 -14.69 9.54
N ALA B 350 -18.01 -15.21 10.76
CA ALA B 350 -17.38 -14.69 11.97
C ALA B 350 -15.94 -15.14 12.16
N GLY B 351 -15.47 -16.12 11.39
CA GLY B 351 -14.17 -16.69 11.64
C GLY B 351 -13.06 -15.96 10.91
N GLY B 352 -13.31 -14.70 10.54
CA GLY B 352 -12.33 -13.89 9.81
C GLY B 352 -12.03 -14.43 8.41
N SER B 353 -10.79 -14.23 7.98
CA SER B 353 -10.31 -14.75 6.71
C SER B 353 -9.06 -15.61 6.91
N LEU B 354 -8.63 -16.21 5.81
CA LEU B 354 -7.52 -17.15 5.86
C LEU B 354 -6.19 -16.44 6.08
N THR B 355 -6.09 -15.15 5.73
CA THR B 355 -4.85 -14.40 5.92
C THR B 355 -4.48 -14.29 7.39
N ASP B 356 -5.50 -14.06 8.24
CA ASP B 356 -5.27 -14.01 9.68
C ASP B 356 -4.69 -15.34 10.19
N VAL B 357 -5.21 -16.46 9.69
CA VAL B 357 -4.66 -17.76 10.05
C VAL B 357 -3.23 -17.89 9.56
N VAL B 358 -2.97 -17.54 8.31
CA VAL B 358 -1.70 -17.86 7.70
C VAL B 358 -0.58 -16.95 8.22
N THR B 359 -0.93 -15.76 8.71
CA THR B 359 0.07 -14.93 9.38
C THR B 359 0.43 -15.47 10.76
N GLU B 360 -0.26 -16.50 11.24
CA GLU B 360 0.13 -17.35 12.37
C GLU B 360 0.86 -18.63 11.92
N THR B 361 0.61 -19.13 10.71
CA THR B 361 1.44 -20.14 9.98
C THR B 361 1.34 -21.55 10.57
N CYS B 362 0.48 -21.79 11.57
CA CYS B 362 0.54 -23.13 12.21
C CYS B 362 -0.06 -24.32 11.31
N MET B 363 -0.34 -24.07 10.04
CA MET B 363 -1.01 -25.04 9.18
C MET B 363 -0.01 -26.09 8.69
N ASP B 364 -0.18 -27.33 9.16
CA ASP B 364 0.47 -28.51 8.62
C ASP B 364 -0.42 -29.08 7.51
N GLU B 365 0.05 -30.14 6.84
CA GLU B 365 -0.53 -30.55 5.57
C GLU B 365 -1.92 -31.14 5.70
N ALA B 366 -2.31 -31.59 6.90
CA ALA B 366 -3.67 -32.08 7.08
C ALA B 366 -4.67 -30.94 6.97
N GLN B 367 -4.39 -29.82 7.66
CA GLN B 367 -5.31 -28.69 7.72
C GLN B 367 -5.36 -27.91 6.41
N ILE B 368 -4.22 -27.82 5.71
CA ILE B 368 -4.18 -27.22 4.38
C ILE B 368 -5.14 -27.95 3.44
N ALA B 369 -5.02 -29.29 3.39
CA ALA B 369 -5.68 -30.11 2.38
C ALA B 369 -7.20 -30.00 2.44
N ALA B 370 -7.77 -29.70 3.60
CA ALA B 370 -9.21 -29.54 3.71
C ALA B 370 -9.64 -28.20 3.11
N VAL B 371 -8.83 -27.15 3.35
CA VAL B 371 -9.09 -25.82 2.81
C VAL B 371 -8.97 -25.81 1.30
N CYS B 372 -8.03 -26.57 0.75
CA CYS B 372 -7.98 -26.76 -0.70
C CYS B 372 -9.20 -27.52 -1.23
N ARG B 373 -9.70 -28.48 -0.45
CA ARG B 373 -10.86 -29.25 -0.88
C ARG B 373 -12.09 -28.35 -1.05
N GLU B 374 -12.29 -27.42 -0.11
CA GLU B 374 -13.44 -26.53 -0.18
C GLU B 374 -13.30 -25.54 -1.34
N CYS B 375 -12.08 -25.03 -1.57
CA CYS B 375 -11.86 -24.12 -2.68
C CYS B 375 -12.17 -24.78 -4.02
N LEU B 376 -11.71 -26.02 -4.20
CA LEU B 376 -11.99 -26.74 -5.44
C LEU B 376 -13.47 -26.97 -5.64
N GLN B 377 -14.23 -27.19 -4.57
CA GLN B 377 -15.66 -27.43 -4.72
C GLN B 377 -16.35 -26.16 -5.23
N ALA B 378 -15.94 -25.01 -4.72
CA ALA B 378 -16.38 -23.72 -5.26
C ALA B 378 -15.98 -23.55 -6.72
N LEU B 379 -14.73 -23.91 -7.07
CA LEU B 379 -14.23 -23.73 -8.43
C LEU B 379 -14.90 -24.65 -9.44
N GLU B 380 -15.30 -25.85 -9.01
CA GLU B 380 -16.07 -26.72 -9.88
C GLU B 380 -17.40 -26.07 -10.21
N PHE B 381 -18.07 -25.51 -9.20
CA PHE B 381 -19.35 -24.83 -9.41
C PHE B 381 -19.19 -23.62 -10.33
N LEU B 382 -18.24 -22.72 -10.02
CA LEU B 382 -18.03 -21.51 -10.80
C LEU B 382 -17.78 -21.82 -12.27
N HIS B 383 -16.90 -22.80 -12.55
CA HIS B 383 -16.55 -23.12 -13.94
C HIS B 383 -17.66 -23.92 -14.64
N ALA B 384 -18.42 -24.75 -13.89
CA ALA B 384 -19.59 -25.36 -14.49
C ALA B 384 -20.66 -24.32 -14.85
N ASN B 385 -20.55 -23.08 -14.36
CA ASN B 385 -21.47 -22.03 -14.73
C ASN B 385 -20.74 -20.84 -15.31
N GLN B 386 -19.66 -21.10 -16.05
CA GLN B 386 -19.01 -20.14 -16.94
C GLN B 386 -18.56 -18.86 -16.24
N VAL B 387 -18.10 -18.99 -15.00
CA VAL B 387 -17.47 -17.89 -14.27
C VAL B 387 -16.00 -18.21 -14.05
N ILE B 388 -15.14 -17.21 -14.21
CA ILE B 388 -13.74 -17.34 -13.82
C ILE B 388 -13.47 -16.34 -12.69
N HIS B 389 -13.05 -16.84 -11.52
CA HIS B 389 -12.90 -15.96 -10.36
C HIS B 389 -11.82 -14.89 -10.59
N ARG B 390 -10.65 -15.28 -11.11
CA ARG B 390 -9.48 -14.45 -11.46
C ARG B 390 -8.69 -13.84 -10.30
N ASN B 391 -9.19 -13.97 -9.07
CA ASN B 391 -8.48 -13.42 -7.91
C ASN B 391 -8.59 -14.35 -6.71
N ILE B 392 -8.31 -15.63 -6.90
CA ILE B 392 -8.23 -16.54 -5.76
C ILE B 392 -7.00 -16.16 -4.93
N LYS B 393 -7.22 -15.70 -3.69
CA LYS B 393 -6.16 -15.41 -2.73
C LYS B 393 -6.76 -15.49 -1.31
N SER B 394 -5.88 -15.49 -0.31
CA SER B 394 -6.27 -15.77 1.08
C SER B 394 -7.16 -14.69 1.73
N ASP B 395 -7.30 -13.53 1.11
CA ASP B 395 -8.21 -12.48 1.57
C ASP B 395 -9.64 -12.67 1.10
N ASN B 396 -9.88 -13.58 0.14
CA ASN B 396 -11.20 -13.89 -0.38
C ASN B 396 -11.68 -15.26 0.10
N VAL B 397 -10.89 -15.93 0.95
CA VAL B 397 -11.34 -17.13 1.65
C VAL B 397 -11.77 -16.71 3.06
N LEU B 398 -13.02 -16.99 3.39
CA LEU B 398 -13.64 -16.51 4.62
C LEU B 398 -14.05 -17.72 5.46
N LEU B 399 -13.59 -17.74 6.71
CA LEU B 399 -13.78 -18.90 7.58
C LEU B 399 -14.94 -18.65 8.54
N GLY B 400 -15.55 -19.74 9.01
CA GLY B 400 -16.50 -19.68 10.10
C GLY B 400 -15.83 -20.06 11.40
N MET B 401 -16.61 -20.06 12.49
CA MET B 401 -16.07 -20.60 13.73
C MET B 401 -15.97 -22.12 13.67
N GLU B 402 -17.03 -22.78 13.21
CA GLU B 402 -17.05 -24.23 13.12
C GLU B 402 -16.18 -24.78 12.00
N GLY B 403 -15.47 -23.92 11.27
CA GLY B 403 -14.50 -24.35 10.30
C GLY B 403 -14.97 -24.39 8.86
N SER B 404 -16.15 -23.84 8.56
CA SER B 404 -16.61 -23.77 7.18
C SER B 404 -15.73 -22.80 6.38
N VAL B 405 -15.53 -23.13 5.11
CA VAL B 405 -14.70 -22.33 4.21
C VAL B 405 -15.58 -21.88 3.04
N LYS B 406 -15.52 -20.57 2.71
CA LYS B 406 -16.37 -19.93 1.73
C LYS B 406 -15.59 -18.89 0.94
N LEU B 407 -15.96 -18.73 -0.34
CA LEU B 407 -15.27 -17.85 -1.28
C LEU B 407 -16.07 -16.58 -1.54
N THR B 408 -15.40 -15.41 -1.53
CA THR B 408 -15.99 -14.13 -1.93
C THR B 408 -15.24 -13.55 -3.13
N ASP B 409 -15.88 -12.66 -3.88
CA ASP B 409 -15.17 -11.80 -4.82
C ASP B 409 -15.38 -10.38 -4.32
N PHE B 410 -14.54 -9.98 -3.36
CA PHE B 410 -14.39 -8.56 -3.07
C PHE B 410 -13.73 -7.88 -4.27
N GLY B 411 -14.01 -6.59 -4.43
CA GLY B 411 -13.40 -5.85 -5.51
C GLY B 411 -13.98 -6.14 -6.87
N PHE B 412 -14.87 -7.14 -6.97
CA PHE B 412 -15.74 -7.38 -8.12
C PHE B 412 -14.97 -7.49 -9.43
N CYS B 413 -14.00 -8.40 -9.44
CA CYS B 413 -13.22 -8.70 -10.64
C CYS B 413 -13.39 -10.19 -10.90
N ALA B 414 -14.21 -10.53 -11.89
CA ALA B 414 -14.47 -11.92 -12.28
C ALA B 414 -15.16 -11.99 -13.62
N GLN B 415 -14.65 -12.80 -14.53
CA GLN B 415 -15.29 -13.00 -15.82
C GLN B 415 -16.62 -13.72 -15.65
N ILE B 416 -17.67 -13.14 -16.21
CA ILE B 416 -18.97 -13.80 -16.26
C ILE B 416 -19.48 -13.97 -17.68
N THR B 417 -18.79 -13.42 -18.69
CA THR B 417 -19.16 -13.38 -20.11
C THR B 417 -17.86 -13.22 -20.89
N PRO B 418 -17.59 -14.10 -21.92
CA PRO B 418 -16.25 -14.13 -22.54
C PRO B 418 -15.82 -12.87 -23.28
N GLU B 419 -14.78 -12.19 -22.76
CA GLU B 419 -14.27 -10.91 -23.27
C GLU B 419 -12.94 -10.63 -22.57
N GLN B 420 -12.45 -9.39 -22.70
CA GLN B 420 -11.26 -8.86 -21.99
C GLN B 420 -9.98 -9.67 -22.18
N GLY B 428 -1.72 -3.52 -5.84
CA GLY B 428 -0.75 -4.35 -5.15
C GLY B 428 0.29 -5.00 -6.06
N THR B 429 0.99 -6.01 -5.52
CA THR B 429 1.92 -6.87 -6.25
C THR B 429 1.26 -8.24 -6.46
N PRO B 430 0.99 -8.66 -7.71
CA PRO B 430 0.04 -9.80 -7.95
C PRO B 430 0.52 -11.25 -7.95
N TYR B 431 0.83 -11.79 -6.75
CA TYR B 431 1.48 -13.11 -6.64
C TYR B 431 0.62 -14.26 -7.19
N TRP B 432 -0.71 -14.12 -7.17
CA TRP B 432 -1.61 -15.19 -7.60
C TRP B 432 -1.71 -15.33 -9.11
N MET B 433 -1.17 -14.40 -9.89
CA MET B 433 -1.45 -14.40 -11.33
C MET B 433 -0.59 -15.40 -12.09
N ALA B 434 -1.23 -16.13 -13.00
CA ALA B 434 -0.60 -17.17 -13.80
C ALA B 434 0.31 -16.53 -14.85
N PRO B 435 1.22 -17.32 -15.46
CA PRO B 435 2.04 -16.75 -16.53
C PRO B 435 1.26 -16.30 -17.76
N GLU B 436 0.14 -16.95 -18.12
CA GLU B 436 -0.53 -16.57 -19.36
C GLU B 436 -1.20 -15.19 -19.26
N VAL B 437 -1.77 -14.87 -18.08
CA VAL B 437 -2.34 -13.54 -17.83
C VAL B 437 -1.25 -12.49 -17.84
N VAL B 438 -0.15 -12.75 -17.12
CA VAL B 438 0.90 -11.77 -16.92
C VAL B 438 1.71 -11.51 -18.21
N THR B 439 1.70 -12.43 -19.17
CA THR B 439 2.35 -12.18 -20.45
C THR B 439 1.39 -11.62 -21.49
N ARG B 440 0.17 -11.23 -21.07
CA ARG B 440 -0.91 -10.74 -21.92
C ARG B 440 -1.34 -11.74 -23.00
N LYS B 441 -1.08 -13.03 -22.77
CA LYS B 441 -1.67 -14.11 -23.56
C LYS B 441 -3.16 -14.26 -23.20
N ALA B 442 -3.83 -15.27 -23.78
CA ALA B 442 -5.24 -15.52 -23.49
C ALA B 442 -5.41 -16.55 -22.37
N TYR B 443 -6.51 -16.42 -21.61
CA TYR B 443 -6.70 -17.25 -20.42
C TYR B 443 -8.10 -17.82 -20.31
N GLY B 444 -8.21 -18.92 -19.58
CA GLY B 444 -9.48 -19.61 -19.36
C GLY B 444 -9.65 -19.98 -17.89
N PRO B 445 -10.54 -20.94 -17.59
CA PRO B 445 -10.85 -21.22 -16.18
C PRO B 445 -9.68 -21.78 -15.38
N LYS B 446 -8.61 -22.25 -16.04
CA LYS B 446 -7.47 -22.79 -15.31
C LYS B 446 -6.52 -21.71 -14.76
N VAL B 447 -6.82 -20.42 -14.91
CA VAL B 447 -6.04 -19.43 -14.15
C VAL B 447 -6.35 -19.60 -12.66
N ASP B 448 -7.59 -20.00 -12.34
CA ASP B 448 -7.97 -20.20 -10.95
C ASP B 448 -7.16 -21.33 -10.32
N ILE B 449 -6.94 -22.41 -11.09
CA ILE B 449 -6.23 -23.59 -10.58
C ILE B 449 -4.77 -23.26 -10.25
N TRP B 450 -4.14 -22.44 -11.08
CA TRP B 450 -2.83 -21.88 -10.74
C TRP B 450 -2.89 -21.13 -9.39
N SER B 451 -3.91 -20.26 -9.21
CA SER B 451 -3.95 -19.40 -8.01
C SER B 451 -4.07 -20.20 -6.71
N LEU B 452 -4.91 -21.25 -6.69
CA LEU B 452 -5.02 -22.11 -5.53
C LEU B 452 -3.72 -22.85 -5.26
N GLY B 453 -2.94 -23.12 -6.30
CA GLY B 453 -1.60 -23.61 -6.09
C GLY B 453 -0.71 -22.60 -5.39
N ILE B 454 -0.75 -21.34 -5.82
CA ILE B 454 -0.01 -20.28 -5.12
C ILE B 454 -0.46 -20.16 -3.66
N MET B 455 -1.73 -20.45 -3.39
CA MET B 455 -2.28 -20.28 -2.05
C MET B 455 -1.83 -21.38 -1.11
N ALA B 456 -1.62 -22.60 -1.62
CA ALA B 456 -1.06 -23.67 -0.79
C ALA B 456 0.38 -23.40 -0.36
N ILE B 457 1.18 -22.72 -1.19
CA ILE B 457 2.52 -22.28 -0.79
C ILE B 457 2.45 -21.17 0.24
N GLU B 458 1.53 -20.21 0.06
CA GLU B 458 1.35 -19.16 1.06
C GLU B 458 0.95 -19.77 2.40
N MET B 459 0.12 -20.82 2.38
CA MET B 459 -0.30 -21.51 3.59
C MET B 459 0.84 -22.33 4.20
N VAL B 460 1.68 -22.94 3.35
CA VAL B 460 2.75 -23.82 3.82
C VAL B 460 3.97 -23.03 4.26
N GLU B 461 3.97 -21.70 4.11
CA GLU B 461 5.12 -20.88 4.46
C GLU B 461 4.79 -19.64 5.28
N GLY B 462 3.51 -19.24 5.39
CA GLY B 462 3.10 -18.06 6.14
C GLY B 462 3.26 -16.73 5.43
N GLU B 463 3.65 -16.72 4.17
CA GLU B 463 3.90 -15.51 3.47
C GLU B 463 3.56 -15.73 2.01
N PRO B 464 2.98 -14.74 1.34
CA PRO B 464 2.84 -14.82 -0.11
C PRO B 464 4.21 -14.91 -0.76
N PRO B 465 4.36 -15.65 -1.85
CA PRO B 465 5.63 -15.62 -2.58
C PRO B 465 5.88 -14.25 -3.20
N TYR B 466 7.14 -14.04 -3.58
CA TYR B 466 7.64 -12.76 -4.11
C TYR B 466 7.42 -11.60 -3.14
N LEU B 467 7.39 -11.87 -1.82
CA LEU B 467 6.77 -10.95 -0.86
C LEU B 467 7.50 -9.61 -0.77
N ASN B 468 8.76 -9.60 -0.35
CA ASN B 468 9.48 -8.33 -0.23
C ASN B 468 10.46 -8.11 -1.38
N GLU B 469 10.04 -8.46 -2.60
CA GLU B 469 10.79 -8.16 -3.82
C GLU B 469 10.01 -7.20 -4.71
N ASN B 470 10.72 -6.67 -5.70
CA ASN B 470 10.23 -5.63 -6.60
C ASN B 470 9.00 -6.10 -7.37
N PRO B 471 7.99 -5.25 -7.56
CA PRO B 471 6.77 -5.68 -8.28
C PRO B 471 6.96 -5.99 -9.77
N LEU B 472 7.70 -5.17 -10.52
CA LEU B 472 7.92 -5.46 -11.94
C LEU B 472 8.81 -6.69 -12.11
N ARG B 473 9.83 -6.84 -11.26
CA ARG B 473 10.66 -8.04 -11.30
C ARG B 473 9.89 -9.29 -10.87
N ALA B 474 8.83 -9.12 -10.07
CA ALA B 474 7.97 -10.25 -9.75
C ALA B 474 7.29 -10.79 -11.00
N LEU B 475 6.75 -9.87 -11.82
CA LEU B 475 6.15 -10.26 -13.10
C LEU B 475 7.17 -10.88 -14.05
N TYR B 476 8.45 -10.50 -13.93
CA TYR B 476 9.48 -11.17 -14.72
C TYR B 476 9.62 -12.63 -14.31
N LEU B 477 9.62 -12.93 -13.00
CA LEU B 477 9.86 -14.31 -12.56
C LEU B 477 8.67 -15.22 -12.84
N ILE B 478 7.44 -14.70 -12.74
CA ILE B 478 6.26 -15.49 -13.12
C ILE B 478 6.30 -15.80 -14.61
N ALA B 479 6.75 -14.84 -15.40
CA ALA B 479 6.74 -15.01 -16.86
C ALA B 479 7.65 -16.15 -17.29
N THR B 480 8.87 -16.18 -16.77
CA THR B 480 9.96 -16.97 -17.32
C THR B 480 10.22 -18.27 -16.57
N ASN B 481 10.16 -18.24 -15.24
CA ASN B 481 10.32 -19.42 -14.39
C ASN B 481 8.99 -20.01 -13.97
N GLY B 482 8.02 -19.14 -13.68
CA GLY B 482 6.67 -19.52 -13.33
C GLY B 482 6.46 -19.90 -11.88
N THR B 483 6.86 -21.12 -11.53
CA THR B 483 6.66 -21.59 -10.16
C THR B 483 7.58 -20.83 -9.22
N PRO B 484 7.10 -20.43 -8.04
CA PRO B 484 8.00 -19.86 -7.03
C PRO B 484 8.82 -20.98 -6.40
N GLU B 485 10.05 -20.68 -6.04
CA GLU B 485 10.88 -21.71 -5.43
C GLU B 485 10.46 -21.91 -3.98
N LEU B 486 10.20 -23.16 -3.60
CA LEU B 486 9.81 -23.43 -2.22
C LEU B 486 11.04 -23.40 -1.32
N GLN B 487 10.88 -22.79 -0.14
CA GLN B 487 12.01 -22.55 0.76
C GLN B 487 12.66 -23.84 1.24
N ASN B 488 11.88 -24.79 1.75
CA ASN B 488 12.41 -26.04 2.31
C ASN B 488 11.68 -27.26 1.76
N PRO B 489 11.93 -27.63 0.49
CA PRO B 489 11.19 -28.76 -0.11
C PRO B 489 11.47 -30.10 0.54
N GLU B 490 12.46 -30.17 1.44
CA GLU B 490 12.70 -31.35 2.27
C GLU B 490 11.49 -31.68 3.14
N LYS B 491 10.80 -30.65 3.64
CA LYS B 491 9.76 -30.78 4.66
C LYS B 491 8.37 -31.03 4.09
N LEU B 492 8.21 -31.09 2.78
CA LEU B 492 6.90 -31.34 2.17
C LEU B 492 6.87 -32.76 1.63
N SER B 493 5.80 -33.48 1.97
CA SER B 493 5.64 -34.84 1.50
C SER B 493 5.43 -34.87 -0.01
N PRO B 494 5.91 -35.91 -0.67
CA PRO B 494 5.83 -35.96 -2.14
C PRO B 494 4.41 -35.92 -2.71
N ILE B 495 3.39 -36.40 -1.99
CA ILE B 495 2.05 -36.35 -2.56
C ILE B 495 1.58 -34.91 -2.63
N PHE B 496 1.90 -34.12 -1.60
CA PHE B 496 1.65 -32.69 -1.63
C PHE B 496 2.47 -32.00 -2.73
N ARG B 497 3.74 -32.36 -2.87
CA ARG B 497 4.57 -31.78 -3.91
C ARG B 497 4.06 -32.12 -5.31
N ASP B 498 3.50 -33.31 -5.47
CA ASP B 498 2.88 -33.71 -6.72
C ASP B 498 1.59 -32.95 -6.95
N PHE B 499 0.89 -32.58 -5.87
CA PHE B 499 -0.29 -31.73 -5.99
C PHE B 499 0.09 -30.35 -6.50
N LEU B 500 1.20 -29.80 -6.01
CA LEU B 500 1.69 -28.51 -6.50
C LEU B 500 2.19 -28.60 -7.93
N ASN B 501 2.93 -29.65 -8.27
CA ASN B 501 3.42 -29.77 -9.65
C ASN B 501 2.28 -29.94 -10.64
N ARG B 502 1.08 -30.27 -10.14
CA ARG B 502 -0.12 -30.46 -10.92
C ARG B 502 -0.98 -29.18 -11.01
N CYS B 503 -0.89 -28.31 -10.01
CA CYS B 503 -1.49 -26.99 -10.11
C CYS B 503 -0.61 -26.00 -10.87
N LEU B 504 0.67 -25.98 -10.58
CA LEU B 504 1.58 -24.95 -11.06
C LEU B 504 2.37 -25.41 -12.27
N GLU B 505 1.74 -26.21 -13.14
CA GLU B 505 2.27 -26.46 -14.48
C GLU B 505 2.31 -25.17 -15.30
N MET B 506 3.42 -24.96 -16.02
CA MET B 506 3.46 -23.90 -17.00
C MET B 506 2.48 -24.19 -18.14
N ASP B 507 2.41 -25.43 -18.56
CA ASP B 507 1.55 -25.86 -19.66
C ASP B 507 0.07 -25.86 -19.23
N VAL B 508 -0.80 -25.28 -20.05
CA VAL B 508 -2.22 -25.16 -19.71
C VAL B 508 -2.97 -26.48 -19.87
N GLU B 509 -2.71 -27.22 -20.94
CA GLU B 509 -3.42 -28.48 -21.14
C GLU B 509 -3.00 -29.53 -20.11
N LYS B 510 -1.72 -29.51 -19.69
CA LYS B 510 -1.27 -30.43 -18.65
C LYS B 510 -1.70 -30.01 -17.26
N ARG B 511 -2.08 -28.74 -17.08
CA ARG B 511 -2.61 -28.28 -15.80
C ARG B 511 -3.97 -28.90 -15.52
N GLY B 512 -4.16 -29.36 -14.28
CA GLY B 512 -5.35 -30.13 -13.97
C GLY B 512 -6.58 -29.25 -13.86
N SER B 513 -7.74 -29.83 -14.15
CA SER B 513 -9.01 -29.11 -14.10
C SER B 513 -9.57 -29.11 -12.67
N ALA B 514 -10.68 -28.40 -12.47
CA ALA B 514 -11.34 -28.38 -11.17
C ALA B 514 -11.85 -29.77 -10.79
N LYS B 515 -12.37 -30.53 -11.75
CA LYS B 515 -12.81 -31.89 -11.43
C LYS B 515 -11.63 -32.76 -11.04
N GLU B 516 -10.55 -32.71 -11.84
CA GLU B 516 -9.45 -33.67 -11.72
C GLU B 516 -8.74 -33.55 -10.38
N LEU B 517 -8.40 -32.33 -9.97
CA LEU B 517 -7.75 -32.16 -8.68
C LEU B 517 -8.66 -32.49 -7.49
N LEU B 518 -9.98 -32.56 -7.69
CA LEU B 518 -10.84 -32.99 -6.60
C LEU B 518 -10.63 -34.45 -6.26
N GLN B 519 -10.27 -35.24 -7.27
CA GLN B 519 -9.97 -36.65 -7.12
C GLN B 519 -8.51 -36.89 -6.73
N HIS B 520 -7.70 -35.84 -6.69
CA HIS B 520 -6.30 -35.99 -6.35
C HIS B 520 -6.18 -36.52 -4.93
N PRO B 521 -5.34 -37.52 -4.70
CA PRO B 521 -5.25 -38.15 -3.37
C PRO B 521 -4.75 -37.25 -2.24
N PHE B 522 -4.16 -36.09 -2.54
CA PHE B 522 -3.59 -35.25 -1.48
C PHE B 522 -4.68 -34.77 -0.53
N LEU B 523 -5.90 -34.61 -1.03
CA LEU B 523 -7.00 -34.12 -0.24
C LEU B 523 -7.52 -35.16 0.74
N LYS B 524 -7.04 -36.40 0.66
CA LYS B 524 -7.44 -37.46 1.59
C LYS B 524 -6.62 -37.47 2.86
N LEU B 525 -5.62 -36.60 2.96
CA LEU B 525 -4.91 -36.33 4.21
C LEU B 525 -5.65 -35.34 5.12
N ALA B 526 -6.89 -34.97 4.79
CA ALA B 526 -7.52 -33.80 5.37
C ALA B 526 -8.14 -34.11 6.72
N LYS B 527 -7.79 -33.28 7.71
CA LYS B 527 -8.37 -33.36 9.04
C LYS B 527 -9.82 -32.88 8.98
N PRO B 528 -10.62 -33.13 10.01
CA PRO B 528 -11.94 -32.51 10.07
C PRO B 528 -11.83 -30.99 10.11
N LEU B 529 -12.84 -30.32 9.52
CA LEU B 529 -12.85 -28.85 9.48
C LEU B 529 -12.92 -28.23 10.87
N SER B 530 -13.35 -28.99 11.89
CA SER B 530 -13.27 -28.54 13.27
C SER B 530 -11.83 -28.32 13.73
N SER B 531 -10.83 -28.90 13.05
CA SER B 531 -9.45 -28.71 13.50
C SER B 531 -8.94 -27.30 13.23
N LEU B 532 -9.65 -26.53 12.40
CA LEU B 532 -9.29 -25.15 12.15
C LEU B 532 -9.65 -24.22 13.32
N THR B 533 -10.62 -24.63 14.16
CA THR B 533 -11.14 -23.75 15.21
C THR B 533 -10.09 -23.24 16.21
N PRO B 534 -9.12 -24.03 16.72
CA PRO B 534 -8.05 -23.41 17.54
C PRO B 534 -7.23 -22.37 16.79
N LEU B 535 -6.95 -22.59 15.50
CA LEU B 535 -6.16 -21.64 14.72
C LEU B 535 -6.88 -20.30 14.62
N ILE B 536 -8.16 -20.33 14.24
CA ILE B 536 -8.96 -19.12 14.07
C ILE B 536 -9.05 -18.37 15.39
N MET B 537 -9.34 -19.10 16.48
CA MET B 537 -9.49 -18.46 17.78
C MET B 537 -8.17 -17.86 18.27
N ALA B 538 -7.04 -18.48 17.92
CA ALA B 538 -5.74 -17.95 18.32
C ALA B 538 -5.32 -16.76 17.47
N ALA B 539 -5.69 -16.75 16.20
CA ALA B 539 -5.36 -15.61 15.35
C ALA B 539 -6.19 -14.38 15.75
N LYS B 540 -7.46 -14.59 16.12
CA LYS B 540 -8.28 -13.48 16.57
C LYS B 540 -7.83 -12.97 17.93
N GLU B 541 -7.30 -13.86 18.78
CA GLU B 541 -6.78 -13.44 20.08
C GLU B 541 -5.44 -12.72 19.93
N ALA B 542 -4.56 -13.24 19.08
CA ALA B 542 -3.31 -12.57 18.77
C ALA B 542 -3.51 -11.31 17.93
N MET B 543 -4.72 -11.10 17.41
CA MET B 543 -5.02 -9.89 16.66
C MET B 543 -5.04 -8.67 17.58
N LYS B 544 -5.30 -8.88 18.87
CA LYS B 544 -5.24 -7.82 19.89
C LYS B 544 -3.85 -7.20 19.99
P PO4 C . -19.69 -12.84 -4.04
O1 PO4 C . -18.84 -11.52 -3.92
O2 PO4 C . -19.72 -13.42 -2.58
O3 PO4 C . -21.14 -12.49 -4.58
O4 PO4 C . -19.00 -13.93 -4.97
#